data_7K02
#
_entry.id   7K02
#
_cell.length_a   157.320
_cell.length_b   115.610
_cell.length_c   44.530
_cell.angle_alpha   90.000
_cell.angle_beta   90.060
_cell.angle_gamma   90.000
#
_symmetry.space_group_name_H-M   'C 1 2 1'
#
_entity_poly.entity_id   1
_entity_poly.type   'polypeptide(L)'
_entity_poly.pdbx_seq_one_letter_code
;GSPSSTMGQVGRQLAIIGDDINRRYDSEFQTMLQHLQPTAENAYEYFTKIATSLFESGINWGRVVALLGFGYRLALHVYQ
HGLTGFLGQVTRFVVDFMLHHSIARWIAQRGGWVAALNLGNG
;
_entity_poly.pdbx_strand_id   A,B,C,D,E,F
#
# COMPACT_ATOMS: atom_id res chain seq x y z
N SER A 5 33.08 -28.96 7.70
CA SER A 5 32.97 -27.53 7.46
C SER A 5 31.63 -26.99 7.94
N THR A 6 31.43 -25.68 7.77
CA THR A 6 30.13 -25.09 8.08
C THR A 6 29.04 -25.69 7.20
N MET A 7 29.35 -25.95 5.93
CA MET A 7 28.46 -26.65 5.03
C MET A 7 28.59 -28.16 5.11
N GLY A 8 29.67 -28.66 5.70
CA GLY A 8 29.88 -30.09 5.80
C GLY A 8 28.85 -30.78 6.69
N GLN A 9 28.35 -30.08 7.71
CA GLN A 9 27.29 -30.64 8.52
C GLN A 9 26.01 -30.81 7.71
N VAL A 10 25.76 -29.93 6.76
CA VAL A 10 24.61 -30.10 5.87
C VAL A 10 24.81 -31.29 4.96
N GLY A 11 26.03 -31.50 4.47
CA GLY A 11 26.31 -32.68 3.66
C GLY A 11 26.19 -33.97 4.44
N ARG A 12 26.51 -33.95 5.73
CA ARG A 12 26.31 -35.13 6.56
C ARG A 12 24.84 -35.34 6.91
N GLN A 13 24.10 -34.25 7.09
CA GLN A 13 22.66 -34.39 7.34
C GLN A 13 21.94 -34.90 6.10
N LEU A 14 22.28 -34.36 4.93
CA LEU A 14 21.67 -34.85 3.69
C LEU A 14 22.03 -36.30 3.42
N ALA A 15 23.20 -36.75 3.89
CA ALA A 15 23.56 -38.16 3.78
C ALA A 15 22.66 -39.00 4.67
N ILE A 16 22.45 -38.57 5.92
CA ILE A 16 21.55 -39.28 6.81
C ILE A 16 20.12 -39.22 6.29
N ILE A 17 19.69 -38.04 5.87
CA ILE A 17 18.37 -37.88 5.27
C ILE A 17 18.24 -38.78 4.06
N GLY A 18 19.20 -38.71 3.14
CA GLY A 18 19.13 -39.50 1.92
C GLY A 18 19.13 -40.99 2.19
N ASP A 19 19.89 -41.43 3.19
CA ASP A 19 19.93 -42.86 3.50
C ASP A 19 18.64 -43.32 4.18
N ASP A 20 17.94 -42.42 4.87
CA ASP A 20 16.68 -42.80 5.48
C ASP A 20 15.56 -42.86 4.47
N ILE A 21 15.54 -41.91 3.52
CA ILE A 21 14.52 -41.94 2.47
C ILE A 21 14.85 -43.02 1.43
N ASN A 22 16.10 -43.45 1.35
CA ASN A 22 16.50 -44.44 0.35
C ASN A 22 15.75 -45.75 0.53
N ARG A 23 15.71 -46.26 1.75
CA ARG A 23 15.22 -47.61 2.01
C ARG A 23 14.16 -47.60 3.11
N ARG A 24 13.33 -46.58 3.15
CA ARG A 24 12.22 -46.56 4.10
C ARG A 24 10.95 -47.16 3.51
N TYR A 25 10.55 -46.69 2.33
CA TYR A 25 9.31 -47.11 1.69
C TYR A 25 9.51 -48.32 0.77
N ASP A 26 10.59 -49.08 0.97
CA ASP A 26 10.84 -50.24 0.12
C ASP A 26 9.70 -51.26 0.21
N SER A 27 9.17 -51.47 1.42
CA SER A 27 8.10 -52.43 1.59
C SER A 27 6.80 -51.93 0.96
N GLU A 28 6.63 -50.62 0.87
CA GLU A 28 5.37 -50.06 0.43
C GLU A 28 5.36 -49.80 -1.07
N PHE A 29 6.54 -49.77 -1.71
CA PHE A 29 6.61 -49.92 -3.16
C PHE A 29 6.49 -51.39 -3.56
N GLN A 30 7.07 -52.28 -2.76
CA GLN A 30 6.97 -53.73 -2.99
C GLN A 30 5.53 -54.17 -3.27
N THR A 31 4.60 -53.69 -2.44
CA THR A 31 3.24 -54.18 -2.50
C THR A 31 2.49 -53.62 -3.71
N MET A 32 2.75 -52.37 -4.07
CA MET A 32 2.06 -51.78 -5.21
C MET A 32 2.45 -52.45 -6.52
N LEU A 33 3.74 -52.80 -6.67
CA LEU A 33 4.20 -53.44 -7.90
C LEU A 33 3.72 -54.87 -8.01
N GLN A 34 3.76 -55.62 -6.90
CA GLN A 34 3.26 -57.00 -6.84
C GLN A 34 1.76 -57.14 -7.00
N HIS A 35 1.03 -56.03 -7.06
CA HIS A 35 -0.42 -56.02 -7.17
C HIS A 35 -0.86 -55.37 -8.48
N LEU A 36 0.10 -55.01 -9.33
CA LEU A 36 -0.05 -54.65 -10.75
C LEU A 36 0.53 -55.71 -11.66
N GLN A 37 1.78 -56.16 -11.40
CA GLN A 37 2.52 -57.11 -12.20
C GLN A 37 2.74 -56.62 -13.64
N PRO A 38 3.75 -55.76 -13.89
CA PRO A 38 3.89 -55.14 -15.22
C PRO A 38 4.92 -55.83 -16.12
N THR A 39 5.25 -55.21 -17.26
CA THR A 39 6.19 -55.79 -18.22
C THR A 39 6.69 -54.65 -19.12
N ALA A 40 7.79 -54.89 -19.85
CA ALA A 40 8.45 -53.84 -20.63
C ALA A 40 7.47 -53.10 -21.54
N GLU A 41 6.64 -53.84 -22.26
CA GLU A 41 5.47 -53.25 -22.91
C GLU A 41 4.58 -52.46 -21.96
N ASN A 42 3.86 -53.12 -21.05
CA ASN A 42 2.83 -52.38 -20.35
C ASN A 42 3.35 -51.61 -19.14
N ALA A 43 4.65 -51.32 -19.05
CA ALA A 43 5.11 -50.52 -17.92
C ALA A 43 4.88 -49.04 -18.16
N TYR A 44 5.05 -48.61 -19.41
CA TYR A 44 4.86 -47.21 -19.77
C TYR A 44 3.43 -46.76 -19.56
N GLU A 45 2.47 -47.57 -20.01
CA GLU A 45 1.06 -47.22 -19.85
C GLU A 45 0.68 -47.08 -18.39
N TYR A 46 1.29 -47.91 -17.52
CA TYR A 46 0.88 -47.93 -16.13
C TYR A 46 1.30 -46.65 -15.42
N PHE A 47 2.56 -46.24 -15.58
CA PHE A 47 3.06 -45.08 -14.86
C PHE A 47 2.34 -43.80 -15.30
N THR A 48 2.16 -43.61 -16.61
CA THR A 48 1.48 -42.42 -17.10
C THR A 48 0.07 -42.34 -16.57
N LYS A 49 -0.61 -43.48 -16.45
CA LYS A 49 -1.99 -43.49 -15.97
C LYS A 49 -2.07 -43.22 -14.48
N ILE A 50 -1.06 -43.65 -13.71
CA ILE A 50 -1.06 -43.40 -12.28
C ILE A 50 -0.66 -41.96 -11.98
N ALA A 51 0.33 -41.45 -12.71
CA ALA A 51 0.81 -40.08 -12.47
C ALA A 51 -0.30 -39.06 -12.68
N THR A 52 -1.13 -39.28 -13.70
CA THR A 52 -2.26 -38.38 -13.95
C THR A 52 -3.23 -38.39 -12.78
N SER A 53 -3.55 -39.58 -12.28
CA SER A 53 -4.50 -39.69 -11.17
C SER A 53 -3.91 -39.15 -9.87
N LEU A 54 -2.61 -39.39 -9.65
CA LEU A 54 -1.98 -38.91 -8.43
C LEU A 54 -1.95 -37.39 -8.36
N PHE A 55 -1.66 -36.74 -9.49
CA PHE A 55 -1.60 -35.29 -9.55
C PHE A 55 -2.94 -34.64 -9.88
N GLU A 56 -3.94 -35.43 -10.28
CA GLU A 56 -5.29 -34.90 -10.44
C GLU A 56 -5.87 -34.44 -9.11
N SER A 57 -5.36 -34.96 -7.99
CA SER A 57 -5.83 -34.60 -6.66
C SER A 57 -4.94 -33.60 -5.95
N GLY A 58 -3.78 -33.28 -6.50
CA GLY A 58 -2.87 -32.34 -5.90
C GLY A 58 -1.44 -32.63 -6.29
N ILE A 59 -0.61 -31.59 -6.24
CA ILE A 59 0.80 -31.68 -6.59
C ILE A 59 1.63 -30.97 -5.54
N ASN A 60 2.71 -31.60 -5.09
CA ASN A 60 3.69 -30.98 -4.22
C ASN A 60 5.02 -31.70 -4.40
N TRP A 61 6.01 -31.35 -3.56
CA TRP A 61 7.33 -31.96 -3.69
C TRP A 61 7.30 -33.45 -3.42
N GLY A 62 6.65 -33.86 -2.33
CA GLY A 62 6.66 -35.27 -1.96
C GLY A 62 5.87 -36.13 -2.92
N ARG A 63 4.71 -35.67 -3.36
CA ARG A 63 3.94 -36.41 -4.35
C ARG A 63 4.75 -36.63 -5.63
N VAL A 64 5.70 -35.74 -5.91
CA VAL A 64 6.56 -35.89 -7.07
C VAL A 64 7.67 -36.90 -6.79
N VAL A 65 8.30 -36.79 -5.61
CA VAL A 65 9.36 -37.72 -5.25
C VAL A 65 8.79 -39.13 -5.05
N ALA A 66 7.58 -39.23 -4.50
CA ALA A 66 6.94 -40.53 -4.37
C ALA A 66 6.68 -41.15 -5.73
N LEU A 67 6.30 -40.33 -6.71
CA LEU A 67 6.07 -40.84 -8.06
C LEU A 67 7.37 -41.29 -8.71
N LEU A 68 8.42 -40.47 -8.60
CA LEU A 68 9.71 -40.85 -9.16
C LEU A 68 10.29 -42.06 -8.44
N GLY A 69 10.09 -42.14 -7.13
CA GLY A 69 10.50 -43.32 -6.40
C GLY A 69 9.79 -44.57 -6.87
N PHE A 70 8.49 -44.44 -7.18
CA PHE A 70 7.74 -45.58 -7.72
C PHE A 70 8.26 -45.98 -9.09
N GLY A 71 8.52 -44.99 -9.96
CA GLY A 71 9.02 -45.30 -11.29
C GLY A 71 10.38 -45.98 -11.26
N TYR A 72 11.22 -45.63 -10.30
CA TYR A 72 12.52 -46.29 -10.17
C TYR A 72 12.34 -47.72 -9.69
N ARG A 73 11.44 -47.95 -8.73
CA ARG A 73 11.14 -49.31 -8.30
C ARG A 73 10.44 -50.08 -9.41
N LEU A 74 9.57 -49.40 -10.17
CA LEU A 74 8.89 -50.05 -11.29
C LEU A 74 9.89 -50.42 -12.38
N ALA A 75 10.82 -49.52 -12.70
CA ALA A 75 11.82 -49.82 -13.71
C ALA A 75 12.72 -50.97 -13.27
N LEU A 76 13.14 -50.98 -12.00
CA LEU A 76 13.95 -52.07 -11.49
C LEU A 76 13.18 -53.39 -11.57
N HIS A 77 11.89 -53.37 -11.24
CA HIS A 77 11.09 -54.59 -11.27
C HIS A 77 10.91 -55.11 -12.69
N VAL A 78 10.70 -54.21 -13.65
CA VAL A 78 10.40 -54.63 -15.02
C VAL A 78 11.66 -55.15 -15.73
N TYR A 79 12.81 -54.56 -15.46
CA TYR A 79 14.00 -54.93 -16.22
C TYR A 79 14.82 -56.04 -15.55
N GLN A 80 14.73 -56.18 -14.23
CA GLN A 80 15.18 -57.42 -13.61
C GLN A 80 14.30 -58.58 -14.05
N HIS A 81 13.05 -58.29 -14.39
CA HIS A 81 12.10 -59.32 -14.78
C HIS A 81 12.46 -59.96 -16.10
N GLY A 82 13.06 -59.19 -17.00
CA GLY A 82 13.41 -59.68 -18.33
C GLY A 82 14.83 -60.17 -18.45
N LEU A 83 15.71 -59.66 -17.59
CA LEU A 83 17.09 -60.14 -17.57
C LEU A 83 17.16 -61.63 -17.25
N THR A 84 16.52 -62.03 -16.15
CA THR A 84 16.45 -63.45 -15.81
C THR A 84 15.60 -64.23 -16.80
N GLY A 85 14.63 -63.56 -17.44
CA GLY A 85 13.82 -64.23 -18.43
C GLY A 85 14.60 -64.57 -19.69
N PHE A 86 15.53 -63.68 -20.08
CA PHE A 86 16.33 -63.94 -21.27
C PHE A 86 17.37 -65.03 -21.00
N LEU A 87 17.87 -65.11 -19.76
CA LEU A 87 18.63 -66.27 -19.34
C LEU A 87 17.83 -67.56 -19.54
N GLY A 88 16.57 -67.54 -19.12
CA GLY A 88 15.70 -68.68 -19.39
C GLY A 88 15.32 -68.83 -20.84
N GLN A 89 15.55 -67.80 -21.65
CA GLN A 89 15.24 -67.86 -23.08
C GLN A 89 16.44 -68.35 -23.90
N VAL A 90 17.66 -67.98 -23.51
CA VAL A 90 18.84 -68.44 -24.24
C VAL A 90 19.15 -69.88 -23.89
N THR A 91 19.26 -70.18 -22.59
CA THR A 91 19.56 -71.54 -22.17
C THR A 91 18.52 -72.53 -22.67
N ARG A 92 17.26 -72.09 -22.78
CA ARG A 92 16.23 -72.95 -23.36
C ARG A 92 16.48 -73.21 -24.83
N PHE A 93 16.99 -72.20 -25.56
CA PHE A 93 17.21 -72.36 -26.99
C PHE A 93 18.37 -73.31 -27.27
N VAL A 94 19.47 -73.17 -26.53
CA VAL A 94 20.63 -74.02 -26.76
C VAL A 94 20.29 -75.47 -26.41
N VAL A 95 19.50 -75.68 -25.35
CA VAL A 95 19.14 -77.03 -24.93
C VAL A 95 18.25 -77.68 -25.98
N ASP A 96 17.25 -76.92 -26.45
CA ASP A 96 16.29 -77.45 -27.46
C ASP A 96 17.04 -77.67 -28.79
N PHE A 97 17.85 -76.69 -29.22
CA PHE A 97 18.61 -76.82 -30.48
C PHE A 97 19.58 -78.00 -30.40
N MET A 98 20.24 -78.15 -29.26
CA MET A 98 21.21 -79.26 -29.05
C MET A 98 20.47 -80.59 -29.20
N LEU A 99 19.46 -80.80 -28.35
CA LEU A 99 18.66 -82.02 -28.32
C LEU A 99 18.23 -82.45 -29.71
N HIS A 100 17.75 -81.49 -30.52
CA HIS A 100 17.39 -81.82 -31.90
C HIS A 100 18.63 -82.08 -32.73
N HIS A 101 19.77 -81.50 -32.36
CA HIS A 101 21.00 -81.76 -33.10
C HIS A 101 21.46 -83.20 -32.90
N SER A 102 21.37 -83.72 -31.67
CA SER A 102 21.75 -85.10 -31.41
C SER A 102 20.80 -86.08 -32.09
N ILE A 103 19.52 -85.74 -32.17
CA ILE A 103 18.56 -86.61 -32.84
C ILE A 103 18.80 -86.59 -34.35
N ALA A 104 18.99 -85.41 -34.92
CA ALA A 104 19.23 -85.31 -36.36
C ALA A 104 20.53 -85.99 -36.77
N ARG A 105 21.49 -86.08 -35.85
CA ARG A 105 22.77 -86.71 -36.16
C ARG A 105 22.66 -88.24 -36.23
N TRP A 106 21.80 -88.84 -35.41
CA TRP A 106 21.66 -90.29 -35.39
C TRP A 106 20.61 -90.80 -36.37
N ILE A 107 19.66 -89.96 -36.78
CA ILE A 107 18.69 -90.38 -37.79
C ILE A 107 19.35 -90.45 -39.17
N ALA A 108 20.25 -89.52 -39.46
CA ALA A 108 20.92 -89.48 -40.75
C ALA A 108 21.90 -90.64 -40.95
N GLN A 109 22.13 -91.46 -39.93
CA GLN A 109 23.05 -92.59 -40.05
C GLN A 109 22.30 -93.92 -39.96
N PRO B 3 -5.73 -53.25 -14.73
CA PRO B 3 -6.93 -52.43 -14.82
C PRO B 3 -6.85 -51.17 -13.96
N SER B 4 -7.83 -50.28 -14.10
CA SER B 4 -7.85 -49.04 -13.33
C SER B 4 -8.18 -49.26 -11.86
N SER B 5 -8.50 -50.49 -11.46
CA SER B 5 -8.80 -50.76 -10.05
C SER B 5 -7.58 -50.53 -9.18
N THR B 6 -6.46 -51.20 -9.51
CA THR B 6 -5.23 -50.98 -8.76
C THR B 6 -4.71 -49.56 -8.90
N MET B 7 -5.01 -48.91 -10.04
CA MET B 7 -4.39 -47.64 -10.36
C MET B 7 -5.04 -46.48 -9.64
N GLY B 8 -6.30 -46.62 -9.24
CA GLY B 8 -6.86 -45.65 -8.31
C GLY B 8 -6.26 -45.76 -6.93
N GLN B 9 -6.02 -46.98 -6.47
CA GLN B 9 -5.50 -47.17 -5.12
C GLN B 9 -4.03 -46.79 -4.99
N VAL B 10 -3.23 -47.04 -6.03
CA VAL B 10 -1.81 -46.69 -5.95
C VAL B 10 -1.64 -45.18 -5.99
N GLY B 11 -2.48 -44.49 -6.76
CA GLY B 11 -2.46 -43.03 -6.74
C GLY B 11 -2.95 -42.47 -5.41
N ARG B 12 -3.86 -43.19 -4.75
CA ARG B 12 -4.26 -42.84 -3.40
C ARG B 12 -3.16 -43.17 -2.39
N GLN B 13 -2.40 -44.24 -2.63
CA GLN B 13 -1.28 -44.57 -1.77
C GLN B 13 -0.12 -43.61 -1.99
N LEU B 14 0.15 -43.24 -3.24
CA LEU B 14 1.24 -42.32 -3.54
C LEU B 14 0.95 -40.93 -2.99
N ALA B 15 -0.33 -40.57 -2.85
CA ALA B 15 -0.66 -39.28 -2.25
C ALA B 15 -0.30 -39.27 -0.77
N ILE B 16 -0.64 -40.34 -0.06
CA ILE B 16 -0.27 -40.44 1.35
C ILE B 16 1.24 -40.54 1.50
N ILE B 17 1.87 -41.40 0.70
CA ILE B 17 3.32 -41.53 0.73
C ILE B 17 3.97 -40.20 0.42
N GLY B 18 3.52 -39.53 -0.65
CA GLY B 18 4.10 -38.26 -1.02
C GLY B 18 3.91 -37.19 0.04
N ASP B 19 2.74 -37.14 0.66
CA ASP B 19 2.51 -36.15 1.71
C ASP B 19 3.27 -36.47 2.98
N ASP B 20 3.68 -37.72 3.18
CA ASP B 20 4.45 -38.06 4.38
C ASP B 20 5.91 -37.63 4.24
N ILE B 21 6.49 -37.79 3.05
CA ILE B 21 7.87 -37.36 2.86
C ILE B 21 7.98 -35.84 2.75
N ASN B 22 6.89 -35.14 2.44
CA ASN B 22 6.90 -33.68 2.54
C ASN B 22 7.17 -33.23 3.97
N ARG B 23 6.41 -33.78 4.92
CA ARG B 23 6.40 -33.28 6.29
C ARG B 23 7.42 -33.97 7.18
N ARG B 24 7.76 -35.23 6.89
CA ARG B 24 8.70 -35.95 7.76
C ARG B 24 10.04 -35.25 7.81
N TYR B 25 10.61 -34.94 6.66
CA TYR B 25 11.91 -34.28 6.58
C TYR B 25 11.80 -32.76 6.56
N ASP B 26 10.58 -32.21 6.63
CA ASP B 26 10.37 -30.78 6.48
C ASP B 26 11.03 -30.01 7.62
N SER B 27 10.89 -30.48 8.86
CA SER B 27 11.58 -29.83 9.97
C SER B 27 13.09 -29.91 9.82
N GLU B 28 13.58 -30.95 9.15
CA GLU B 28 15.02 -31.21 9.09
C GLU B 28 15.71 -30.27 8.11
N PHE B 29 15.00 -29.83 7.07
CA PHE B 29 15.56 -28.88 6.11
C PHE B 29 15.61 -27.47 6.68
N GLN B 30 14.49 -27.01 7.25
CA GLN B 30 14.42 -25.66 7.78
C GLN B 30 15.48 -25.39 8.83
N THR B 31 16.01 -26.43 9.48
CA THR B 31 17.10 -26.24 10.43
C THR B 31 18.41 -26.03 9.69
N MET B 32 18.65 -26.76 8.60
CA MET B 32 19.88 -26.59 7.84
C MET B 32 19.91 -25.23 7.16
N LEU B 33 18.77 -24.72 6.71
CA LEU B 33 18.72 -23.38 6.13
C LEU B 33 18.92 -22.31 7.19
N GLN B 34 18.48 -22.57 8.42
CA GLN B 34 18.72 -21.63 9.51
C GLN B 34 20.21 -21.54 9.85
N HIS B 35 20.96 -22.61 9.61
CA HIS B 35 22.37 -22.66 9.99
C HIS B 35 23.32 -22.30 8.86
N LEU B 36 22.83 -22.21 7.63
CA LEU B 36 23.63 -21.63 6.56
C LEU B 36 23.36 -20.14 6.39
N GLN B 37 22.09 -19.74 6.45
CA GLN B 37 21.65 -18.38 6.14
C GLN B 37 22.16 -17.98 4.76
N PRO B 38 21.64 -18.56 3.69
CA PRO B 38 22.15 -18.28 2.34
C PRO B 38 21.52 -17.01 1.76
N THR B 39 22.08 -16.57 0.63
CA THR B 39 21.67 -15.31 0.01
C THR B 39 21.85 -15.39 -1.50
N ALA B 40 21.18 -14.47 -2.22
CA ALA B 40 21.06 -14.55 -3.69
C ALA B 40 22.39 -14.91 -4.35
N GLU B 41 23.46 -14.24 -3.94
CA GLU B 41 24.80 -14.46 -4.56
C GLU B 41 25.45 -15.76 -4.09
N ASN B 42 25.35 -16.09 -2.79
CA ASN B 42 26.04 -17.28 -2.25
C ASN B 42 25.15 -18.53 -2.29
N ALA B 43 23.94 -18.40 -2.87
CA ALA B 43 22.99 -19.53 -2.93
C ALA B 43 23.55 -20.72 -3.73
N TYR B 44 23.59 -20.59 -5.05
CA TYR B 44 24.05 -21.68 -5.95
C TYR B 44 25.40 -22.23 -5.47
N GLU B 45 26.31 -21.35 -5.04
CA GLU B 45 27.61 -21.81 -4.59
C GLU B 45 27.47 -22.77 -3.42
N TYR B 46 26.56 -22.47 -2.49
CA TYR B 46 26.32 -23.38 -1.37
C TYR B 46 25.84 -24.74 -1.85
N PHE B 47 24.82 -24.75 -2.70
CA PHE B 47 24.26 -26.01 -3.17
C PHE B 47 25.28 -26.82 -3.97
N THR B 48 26.03 -26.15 -4.85
CA THR B 48 27.04 -26.84 -5.64
C THR B 48 28.11 -27.47 -4.76
N LYS B 49 28.56 -26.74 -3.74
CA LYS B 49 29.62 -27.25 -2.89
C LYS B 49 29.12 -28.31 -1.91
N ILE B 50 27.85 -28.22 -1.49
CA ILE B 50 27.27 -29.26 -0.65
C ILE B 50 27.01 -30.52 -1.47
N ALA B 51 26.50 -30.36 -2.69
CA ALA B 51 26.24 -31.51 -3.55
C ALA B 51 27.52 -32.30 -3.82
N THR B 52 28.64 -31.61 -4.01
CA THR B 52 29.91 -32.28 -4.20
C THR B 52 30.28 -33.10 -2.97
N SER B 53 30.17 -32.49 -1.79
CA SER B 53 30.54 -33.19 -0.55
C SER B 53 29.56 -34.31 -0.24
N LEU B 54 28.27 -34.12 -0.53
CA LEU B 54 27.28 -35.15 -0.25
C LEU B 54 27.52 -36.38 -1.13
N PHE B 55 27.86 -36.16 -2.39
CA PHE B 55 28.12 -37.26 -3.31
C PHE B 55 29.57 -37.74 -3.28
N GLU B 56 30.47 -36.99 -2.67
CA GLU B 56 31.85 -37.46 -2.50
C GLU B 56 31.90 -38.67 -1.58
N SER B 57 30.91 -38.82 -0.69
CA SER B 57 30.85 -39.94 0.24
C SER B 57 29.93 -41.07 -0.24
N GLY B 58 29.19 -40.85 -1.31
CA GLY B 58 28.31 -41.87 -1.84
C GLY B 58 27.13 -41.26 -2.56
N ILE B 59 26.52 -42.07 -3.44
CA ILE B 59 25.37 -41.64 -4.22
C ILE B 59 24.38 -42.79 -4.31
N ASN B 60 23.09 -42.47 -4.17
CA ASN B 60 22.01 -43.41 -4.35
C ASN B 60 20.74 -42.62 -4.64
N TRP B 61 19.60 -43.30 -4.71
CA TRP B 61 18.34 -42.62 -4.99
C TRP B 61 17.98 -41.64 -3.88
N GLY B 62 18.10 -42.08 -2.62
CA GLY B 62 17.71 -41.24 -1.51
C GLY B 62 18.57 -39.99 -1.39
N ARG B 63 19.89 -40.14 -1.54
CA ARG B 63 20.78 -38.99 -1.48
C ARG B 63 20.52 -38.00 -2.60
N VAL B 64 19.94 -38.46 -3.71
CA VAL B 64 19.67 -37.56 -4.83
C VAL B 64 18.38 -36.77 -4.59
N VAL B 65 17.31 -37.45 -4.17
CA VAL B 65 16.06 -36.74 -3.89
C VAL B 65 16.22 -35.85 -2.66
N ALA B 66 17.09 -36.21 -1.73
CA ALA B 66 17.36 -35.36 -0.59
C ALA B 66 18.06 -34.07 -1.02
N LEU B 67 18.97 -34.17 -1.98
CA LEU B 67 19.63 -32.98 -2.51
C LEU B 67 18.65 -32.09 -3.26
N LEU B 68 17.85 -32.69 -4.15
CA LEU B 68 16.85 -31.91 -4.89
C LEU B 68 15.81 -31.33 -3.96
N GLY B 69 15.39 -32.09 -2.95
CA GLY B 69 14.48 -31.55 -1.95
C GLY B 69 15.08 -30.37 -1.21
N PHE B 70 16.37 -30.45 -0.90
CA PHE B 70 17.05 -29.32 -0.26
C PHE B 70 17.19 -28.15 -1.22
N GLY B 71 17.56 -28.42 -2.47
CA GLY B 71 17.71 -27.34 -3.43
C GLY B 71 16.42 -26.62 -3.71
N TYR B 72 15.30 -27.34 -3.73
CA TYR B 72 14.00 -26.70 -3.92
C TYR B 72 13.61 -25.88 -2.70
N ARG B 73 13.88 -26.38 -1.51
CA ARG B 73 13.64 -25.60 -0.30
C ARG B 73 14.63 -24.44 -0.21
N LEU B 74 15.87 -24.65 -0.66
CA LEU B 74 16.85 -23.56 -0.70
C LEU B 74 16.41 -22.47 -1.67
N ALA B 75 15.87 -22.87 -2.82
CA ALA B 75 15.39 -21.88 -3.79
C ALA B 75 14.24 -21.06 -3.21
N LEU B 76 13.29 -21.73 -2.56
CA LEU B 76 12.16 -21.02 -1.97
C LEU B 76 12.61 -20.07 -0.88
N HIS B 77 13.56 -20.50 -0.05
CA HIS B 77 14.00 -19.68 1.07
C HIS B 77 14.63 -18.37 0.59
N VAL B 78 15.48 -18.45 -0.45
CA VAL B 78 16.09 -17.25 -1.00
C VAL B 78 15.04 -16.39 -1.71
N TYR B 79 14.16 -17.04 -2.47
CA TYR B 79 12.98 -16.42 -3.06
C TYR B 79 12.12 -15.65 -2.06
N GLN B 80 11.53 -16.37 -1.10
CA GLN B 80 10.62 -15.75 -0.14
C GLN B 80 11.24 -14.54 0.54
N HIS B 81 12.54 -14.62 0.82
CA HIS B 81 13.21 -13.55 1.55
C HIS B 81 13.48 -12.36 0.65
N GLY B 82 13.98 -12.59 -0.55
CA GLY B 82 14.26 -11.49 -1.46
C GLY B 82 13.00 -10.77 -1.91
N LEU B 83 11.91 -11.53 -2.08
CA LEU B 83 10.65 -10.91 -2.51
C LEU B 83 10.15 -9.92 -1.46
N THR B 84 10.03 -10.36 -0.21
CA THR B 84 9.59 -9.46 0.85
C THR B 84 10.61 -8.34 1.08
N GLY B 85 11.90 -8.61 0.83
CA GLY B 85 12.89 -7.56 0.94
C GLY B 85 12.68 -6.46 -0.10
N PHE B 86 12.43 -6.86 -1.34
CA PHE B 86 12.15 -5.88 -2.38
C PHE B 86 10.81 -5.19 -2.12
N LEU B 87 9.80 -5.94 -1.68
CA LEU B 87 8.54 -5.33 -1.29
C LEU B 87 8.75 -4.35 -0.13
N GLY B 88 9.64 -4.70 0.80
CA GLY B 88 9.94 -3.79 1.89
C GLY B 88 10.66 -2.54 1.44
N GLN B 89 11.46 -2.63 0.38
CA GLN B 89 12.16 -1.45 -0.11
C GLN B 89 11.27 -0.58 -0.98
N VAL B 90 10.32 -1.19 -1.70
CA VAL B 90 9.37 -0.41 -2.50
C VAL B 90 8.50 0.45 -1.59
N THR B 91 8.00 -0.14 -0.51
CA THR B 91 7.17 0.61 0.43
C THR B 91 7.96 1.71 1.13
N ARG B 92 9.24 1.49 1.40
CA ARG B 92 10.05 2.55 2.00
C ARG B 92 10.21 3.73 1.06
N PHE B 93 10.31 3.47 -0.24
CA PHE B 93 10.52 4.55 -1.20
C PHE B 93 9.28 5.42 -1.34
N VAL B 94 8.12 4.80 -1.45
CA VAL B 94 6.88 5.56 -1.58
C VAL B 94 6.61 6.35 -0.31
N VAL B 95 6.87 5.75 0.85
CA VAL B 95 6.67 6.44 2.12
C VAL B 95 7.62 7.64 2.22
N ASP B 96 8.89 7.44 1.83
CA ASP B 96 9.84 8.55 1.82
C ASP B 96 9.42 9.62 0.84
N PHE B 97 8.91 9.23 -0.33
CA PHE B 97 8.49 10.20 -1.33
C PHE B 97 7.30 11.01 -0.84
N MET B 98 6.30 10.34 -0.26
CA MET B 98 5.11 11.04 0.19
C MET B 98 5.42 11.94 1.40
N LEU B 99 6.28 11.47 2.31
CA LEU B 99 6.68 12.32 3.43
C LEU B 99 7.52 13.49 2.95
N HIS B 100 8.42 13.26 1.99
CA HIS B 100 9.11 14.36 1.32
C HIS B 100 8.14 15.30 0.64
N HIS B 101 7.11 14.75 0.00
CA HIS B 101 6.17 15.60 -0.76
C HIS B 101 5.34 16.47 0.17
N SER B 102 4.93 15.94 1.32
CA SER B 102 4.10 16.72 2.23
C SER B 102 4.90 17.84 2.88
N ILE B 103 6.17 17.58 3.19
CA ILE B 103 7.01 18.63 3.75
C ILE B 103 7.27 19.73 2.73
N ALA B 104 7.58 19.33 1.48
CA ALA B 104 7.76 20.32 0.42
C ALA B 104 6.50 21.14 0.21
N ARG B 105 5.32 20.55 0.45
CA ARG B 105 4.08 21.29 0.37
C ARG B 105 3.94 22.26 1.55
N TRP B 106 4.21 21.76 2.76
CA TRP B 106 4.10 22.60 3.94
C TRP B 106 5.06 23.79 3.87
N ILE B 107 6.29 23.54 3.40
CA ILE B 107 7.24 24.62 3.18
C ILE B 107 6.67 25.66 2.23
N ALA B 108 6.07 25.19 1.13
CA ALA B 108 5.46 26.12 0.18
C ALA B 108 4.28 26.86 0.80
N GLN B 109 3.58 26.24 1.73
CA GLN B 109 2.48 26.92 2.40
C GLN B 109 2.98 28.01 3.34
N ARG B 110 4.21 27.87 3.84
CA ARG B 110 4.81 28.88 4.71
C ARG B 110 5.61 29.93 3.95
N GLY B 111 5.75 29.77 2.64
CA GLY B 111 6.42 30.76 1.82
C GLY B 111 7.85 30.44 1.42
N GLY B 112 8.17 29.18 1.18
CA GLY B 112 9.49 28.80 0.72
C GLY B 112 10.38 28.29 1.84
N TRP B 113 11.52 27.75 1.43
CA TRP B 113 12.45 27.14 2.38
C TRP B 113 13.21 28.19 3.18
N VAL B 114 13.68 29.26 2.51
CA VAL B 114 14.42 30.30 3.21
C VAL B 114 13.55 30.93 4.30
N ALA B 115 12.24 31.06 4.03
CA ALA B 115 11.35 31.70 4.99
C ALA B 115 10.98 30.75 6.13
N ALA B 116 10.68 29.50 5.80
CA ALA B 116 10.30 28.51 6.85
C ALA B 116 11.49 28.24 7.76
N LEU B 117 12.60 27.75 7.20
CA LEU B 117 13.81 27.40 7.99
C LEU B 117 14.42 28.62 8.68
N ASN B 118 14.49 29.76 7.98
CA ASN B 118 15.13 30.97 8.56
C ASN B 118 14.36 31.42 9.81
N LEU B 119 13.03 31.36 9.78
CA LEU B 119 12.21 31.79 10.94
C LEU B 119 12.01 30.59 11.88
N PRO C 3 -25.10 -2.00 14.19
CA PRO C 3 -23.93 -1.45 13.51
C PRO C 3 -22.85 -2.50 13.26
N SER C 4 -22.90 -3.62 14.00
CA SER C 4 -21.92 -4.67 13.81
C SER C 4 -22.17 -5.44 12.51
N SER C 5 -23.44 -5.68 12.19
CA SER C 5 -23.78 -6.37 10.95
C SER C 5 -23.64 -5.47 9.74
N THR C 6 -23.92 -4.18 9.89
CA THR C 6 -23.76 -3.25 8.78
C THR C 6 -22.30 -3.15 8.36
N MET C 7 -21.38 -3.10 9.34
CA MET C 7 -19.97 -3.10 9.02
C MET C 7 -19.51 -4.41 8.42
N GLY C 8 -20.22 -5.51 8.68
CA GLY C 8 -19.95 -6.73 7.96
C GLY C 8 -20.26 -6.59 6.48
N GLN C 9 -21.33 -5.87 6.14
CA GLN C 9 -21.64 -5.59 4.75
C GLN C 9 -20.61 -4.66 4.12
N VAL C 10 -20.01 -3.78 4.92
CA VAL C 10 -18.93 -2.93 4.41
C VAL C 10 -17.72 -3.77 4.03
N GLY C 11 -17.37 -4.75 4.87
CA GLY C 11 -16.33 -5.69 4.49
C GLY C 11 -16.73 -6.55 3.31
N ARG C 12 -18.03 -6.79 3.15
CA ARG C 12 -18.51 -7.53 1.97
C ARG C 12 -18.55 -6.64 0.75
N GLN C 13 -18.77 -5.33 0.92
CA GLN C 13 -18.63 -4.40 -0.18
C GLN C 13 -17.17 -4.24 -0.58
N LEU C 14 -16.27 -4.14 0.43
CA LEU C 14 -14.86 -3.97 0.15
C LEU C 14 -14.26 -5.21 -0.51
N ALA C 15 -14.85 -6.39 -0.27
CA ALA C 15 -14.39 -7.59 -0.95
C ALA C 15 -14.73 -7.53 -2.43
N ILE C 16 -15.95 -7.09 -2.76
CA ILE C 16 -16.34 -6.93 -4.17
C ILE C 16 -15.54 -5.80 -4.81
N ILE C 17 -15.49 -4.65 -4.14
CA ILE C 17 -14.72 -3.51 -4.65
C ILE C 17 -13.26 -3.89 -4.81
N GLY C 18 -12.70 -4.58 -3.82
CA GLY C 18 -11.30 -4.98 -3.90
C GLY C 18 -11.04 -5.96 -5.03
N ASP C 19 -11.92 -6.94 -5.21
CA ASP C 19 -11.71 -7.94 -6.25
C ASP C 19 -11.92 -7.35 -7.64
N ASP C 20 -12.73 -6.29 -7.77
CA ASP C 20 -12.91 -5.67 -9.07
C ASP C 20 -11.69 -4.82 -9.44
N ILE C 21 -11.15 -4.07 -8.48
CA ILE C 21 -9.93 -3.32 -8.74
C ILE C 21 -8.71 -4.23 -8.80
N ASN C 22 -8.78 -5.42 -8.19
CA ASN C 22 -7.68 -6.38 -8.27
C ASN C 22 -7.49 -6.88 -9.69
N ARG C 23 -8.57 -7.32 -10.32
CA ARG C 23 -8.49 -8.01 -11.61
C ARG C 23 -8.74 -7.11 -12.81
N ARG C 24 -9.14 -5.85 -12.59
CA ARG C 24 -9.38 -4.96 -13.72
C ARG C 24 -8.07 -4.46 -14.31
N TYR C 25 -7.24 -3.83 -13.49
CA TYR C 25 -5.94 -3.34 -13.94
C TYR C 25 -4.89 -4.43 -14.02
N ASP C 26 -5.23 -5.65 -13.59
CA ASP C 26 -4.27 -6.75 -13.59
C ASP C 26 -3.75 -7.03 -14.99
N SER C 27 -4.66 -7.20 -15.95
CA SER C 27 -4.26 -7.42 -17.33
C SER C 27 -3.36 -6.30 -17.85
N GLU C 28 -3.45 -5.12 -17.24
CA GLU C 28 -2.77 -3.95 -17.76
C GLU C 28 -1.34 -3.87 -17.25
N PHE C 29 -1.10 -4.35 -16.03
CA PHE C 29 0.25 -4.41 -15.47
C PHE C 29 1.09 -5.44 -16.20
N GLN C 30 0.52 -6.64 -16.42
CA GLN C 30 1.26 -7.71 -17.08
C GLN C 30 1.72 -7.30 -18.47
N THR C 31 0.99 -6.40 -19.13
CA THR C 31 1.44 -5.91 -20.43
C THR C 31 2.64 -4.98 -20.26
N MET C 32 2.65 -4.16 -19.23
CA MET C 32 3.78 -3.27 -19.00
C MET C 32 5.03 -4.06 -18.62
N LEU C 33 4.88 -5.06 -17.76
CA LEU C 33 6.01 -5.91 -17.39
C LEU C 33 6.52 -6.70 -18.58
N GLN C 34 5.61 -7.14 -19.46
CA GLN C 34 6.04 -7.84 -20.67
C GLN C 34 6.76 -6.91 -21.63
N HIS C 35 6.41 -5.62 -21.63
CA HIS C 35 7.01 -4.65 -22.52
C HIS C 35 8.24 -3.98 -21.92
N LEU C 36 8.46 -4.11 -20.62
CA LEU C 36 9.67 -3.62 -19.97
C LEU C 36 10.75 -4.68 -19.84
N GLN C 37 10.37 -5.92 -19.53
CA GLN C 37 11.28 -7.03 -19.30
C GLN C 37 12.34 -6.66 -18.27
N PRO C 38 11.97 -6.55 -16.99
CA PRO C 38 12.95 -6.22 -15.97
C PRO C 38 13.68 -7.45 -15.45
N THR C 39 14.90 -7.23 -14.96
CA THR C 39 15.69 -8.26 -14.33
C THR C 39 16.00 -7.86 -12.90
N ALA C 40 16.40 -8.85 -12.09
CA ALA C 40 16.60 -8.63 -10.66
C ALA C 40 17.56 -7.48 -10.38
N GLU C 41 18.46 -7.20 -11.31
CA GLU C 41 19.42 -6.11 -11.12
C GLU C 41 18.75 -4.75 -11.29
N ASN C 42 17.99 -4.57 -12.37
CA ASN C 42 17.38 -3.28 -12.68
C ASN C 42 15.93 -3.17 -12.22
N ALA C 43 15.45 -4.12 -11.40
CA ALA C 43 14.06 -4.07 -10.94
C ALA C 43 13.81 -2.83 -10.10
N TYR C 44 14.69 -2.56 -9.14
CA TYR C 44 14.52 -1.38 -8.30
C TYR C 44 14.80 -0.09 -9.07
N GLU C 45 15.83 -0.10 -9.92
CA GLU C 45 16.15 1.08 -10.72
C GLU C 45 14.99 1.46 -11.62
N TYR C 46 14.33 0.47 -12.21
CA TYR C 46 13.16 0.74 -13.05
C TYR C 46 12.04 1.40 -12.25
N PHE C 47 11.71 0.81 -11.09
CA PHE C 47 10.61 1.33 -10.28
C PHE C 47 10.93 2.73 -9.77
N THR C 48 12.17 2.95 -9.32
CA THR C 48 12.55 4.28 -8.81
C THR C 48 12.46 5.33 -9.92
N LYS C 49 12.89 4.98 -11.13
CA LYS C 49 12.88 5.95 -12.22
C LYS C 49 11.47 6.16 -12.78
N ILE C 50 10.62 5.14 -12.70
CA ILE C 50 9.22 5.32 -13.13
C ILE C 50 8.46 6.14 -12.09
N ALA C 51 8.67 5.86 -10.81
CA ALA C 51 7.99 6.59 -9.75
C ALA C 51 8.31 8.08 -9.82
N THR C 52 9.56 8.42 -10.10
CA THR C 52 9.93 9.83 -10.24
C THR C 52 9.18 10.47 -11.40
N SER C 53 9.18 9.80 -12.56
CA SER C 53 8.50 10.35 -13.73
C SER C 53 6.99 10.36 -13.53
N LEU C 54 6.44 9.35 -12.85
CA LEU C 54 5.00 9.31 -12.64
C LEU C 54 4.54 10.45 -11.73
N PHE C 55 5.31 10.75 -10.70
CA PHE C 55 4.98 11.84 -9.78
C PHE C 55 5.50 13.19 -10.25
N GLU C 56 6.40 13.22 -11.23
CA GLU C 56 6.83 14.49 -11.80
C GLU C 56 5.69 15.20 -12.52
N SER C 57 4.70 14.45 -12.99
CA SER C 57 3.56 15.02 -13.69
C SER C 57 2.34 15.21 -12.80
N GLY C 58 2.36 14.70 -11.59
CA GLY C 58 1.25 14.85 -10.67
C GLY C 58 1.21 13.71 -9.68
N ILE C 59 0.53 13.97 -8.55
CA ILE C 59 0.40 12.99 -7.48
C ILE C 59 -1.01 13.07 -6.91
N ASN C 60 -1.60 11.90 -6.65
CA ASN C 60 -2.88 11.79 -5.97
C ASN C 60 -2.96 10.38 -5.37
N TRP C 61 -4.12 10.04 -4.82
CA TRP C 61 -4.26 8.73 -4.20
C TRP C 61 -4.19 7.60 -5.23
N GLY C 62 -4.88 7.76 -6.35
CA GLY C 62 -4.88 6.71 -7.36
C GLY C 62 -3.52 6.46 -7.97
N ARG C 63 -2.79 7.54 -8.26
CA ARG C 63 -1.44 7.40 -8.80
C ARG C 63 -0.51 6.71 -7.81
N VAL C 64 -0.79 6.81 -6.52
CA VAL C 64 0.07 6.20 -5.51
C VAL C 64 -0.21 4.71 -5.40
N VAL C 65 -1.50 4.33 -5.31
CA VAL C 65 -1.83 2.91 -5.22
C VAL C 65 -1.51 2.21 -6.53
N ALA C 66 -1.58 2.91 -7.66
CA ALA C 66 -1.18 2.31 -8.92
C ALA C 66 0.31 2.01 -8.95
N LEU C 67 1.12 2.92 -8.37
CA LEU C 67 2.56 2.66 -8.27
C LEU C 67 2.84 1.49 -7.34
N LEU C 68 2.25 1.49 -6.15
CA LEU C 68 2.44 0.38 -5.23
C LEU C 68 1.92 -0.93 -5.81
N GLY C 69 0.78 -0.87 -6.49
CA GLY C 69 0.30 -2.04 -7.20
C GLY C 69 1.29 -2.54 -8.23
N PHE C 70 1.85 -1.62 -9.02
CA PHE C 70 2.84 -2.00 -10.02
C PHE C 70 4.10 -2.56 -9.37
N GLY C 71 4.58 -1.93 -8.30
CA GLY C 71 5.76 -2.42 -7.63
C GLY C 71 5.58 -3.81 -7.06
N TYR C 72 4.39 -4.12 -6.57
CA TYR C 72 4.11 -5.47 -6.08
C TYR C 72 4.04 -6.46 -7.24
N ARG C 73 3.40 -6.06 -8.34
CA ARG C 73 3.39 -6.91 -9.54
C ARG C 73 4.82 -7.08 -10.07
N LEU C 74 5.60 -6.00 -10.04
CA LEU C 74 6.98 -6.05 -10.49
C LEU C 74 7.82 -6.98 -9.62
N ALA C 75 7.64 -6.90 -8.30
CA ALA C 75 8.38 -7.77 -7.40
C ALA C 75 8.06 -9.24 -7.66
N LEU C 76 6.78 -9.55 -7.87
CA LEU C 76 6.39 -10.93 -8.14
C LEU C 76 6.99 -11.43 -9.46
N HIS C 77 6.87 -10.63 -10.52
CA HIS C 77 7.38 -11.03 -11.82
C HIS C 77 8.88 -11.30 -11.77
N VAL C 78 9.63 -10.41 -11.13
CA VAL C 78 11.09 -10.51 -11.14
C VAL C 78 11.56 -11.68 -10.30
N TYR C 79 10.97 -11.88 -9.12
CA TYR C 79 11.44 -12.92 -8.23
C TYR C 79 10.89 -14.29 -8.58
N GLN C 80 9.65 -14.38 -9.07
CA GLN C 80 9.10 -15.68 -9.39
C GLN C 80 9.59 -16.21 -10.73
N HIS C 81 10.20 -15.35 -11.55
CA HIS C 81 11.03 -15.83 -12.65
C HIS C 81 12.37 -16.36 -12.14
N GLY C 82 13.00 -15.63 -11.23
CA GLY C 82 14.28 -16.07 -10.70
C GLY C 82 14.18 -17.37 -9.93
N LEU C 83 13.04 -17.63 -9.29
CA LEU C 83 12.84 -18.89 -8.59
C LEU C 83 12.92 -20.06 -9.55
N THR C 84 12.14 -20.02 -10.63
CA THR C 84 12.20 -21.09 -11.63
C THR C 84 13.55 -21.15 -12.30
N GLY C 85 14.25 -20.02 -12.41
CA GLY C 85 15.59 -20.04 -12.97
C GLY C 85 16.57 -20.79 -12.09
N PHE C 86 16.54 -20.52 -10.79
CA PHE C 86 17.42 -21.24 -9.87
C PHE C 86 17.03 -22.70 -9.76
N LEU C 87 15.72 -22.99 -9.78
CA LEU C 87 15.27 -24.38 -9.78
C LEU C 87 15.77 -25.12 -11.01
N GLY C 88 15.82 -24.43 -12.16
CA GLY C 88 16.38 -25.03 -13.36
C GLY C 88 17.88 -25.21 -13.29
N GLN C 89 18.58 -24.31 -12.60
CA GLN C 89 20.01 -24.48 -12.40
C GLN C 89 20.29 -25.66 -11.47
N VAL C 90 19.44 -25.85 -10.47
CA VAL C 90 19.59 -26.98 -9.55
C VAL C 90 19.35 -28.29 -10.29
N THR C 91 18.27 -28.36 -11.08
CA THR C 91 17.96 -29.59 -11.79
C THR C 91 19.00 -29.89 -12.86
N ARG C 92 19.51 -28.87 -13.54
CA ARG C 92 20.54 -29.09 -14.55
C ARG C 92 21.84 -29.60 -13.92
N PHE C 93 22.15 -29.17 -12.70
CA PHE C 93 23.39 -29.59 -12.07
C PHE C 93 23.33 -31.05 -11.64
N VAL C 94 22.23 -31.46 -11.00
CA VAL C 94 22.09 -32.84 -10.56
C VAL C 94 22.07 -33.78 -11.74
N VAL C 95 21.39 -33.39 -12.83
CA VAL C 95 21.35 -34.21 -14.03
C VAL C 95 22.75 -34.33 -14.63
N ASP C 96 23.50 -33.23 -14.67
CA ASP C 96 24.85 -33.26 -15.21
C ASP C 96 25.75 -34.17 -14.39
N PHE C 97 25.61 -34.14 -13.07
CA PHE C 97 26.47 -34.96 -12.21
C PHE C 97 26.14 -36.44 -12.41
N MET C 98 24.86 -36.78 -12.40
CA MET C 98 24.47 -38.19 -12.52
C MET C 98 24.84 -38.74 -13.89
N LEU C 99 24.72 -37.92 -14.94
CA LEU C 99 25.19 -38.34 -16.26
C LEU C 99 26.71 -38.46 -16.28
N HIS C 100 27.41 -37.50 -15.68
CA HIS C 100 28.85 -37.65 -15.45
C HIS C 100 29.15 -38.88 -14.62
N HIS C 101 28.34 -39.14 -13.59
CA HIS C 101 28.65 -40.26 -12.70
C HIS C 101 28.45 -41.60 -13.39
N SER C 102 27.45 -41.70 -14.26
CA SER C 102 27.21 -42.97 -14.95
C SER C 102 28.28 -43.24 -15.99
N ILE C 103 28.76 -42.19 -16.67
CA ILE C 103 29.84 -42.37 -17.64
C ILE C 103 31.13 -42.78 -16.93
N ALA C 104 31.46 -42.10 -15.82
CA ALA C 104 32.63 -42.48 -15.06
C ALA C 104 32.51 -43.91 -14.52
N ARG C 105 31.29 -44.38 -14.29
CA ARG C 105 31.08 -45.75 -13.86
C ARG C 105 31.28 -46.74 -14.99
N TRP C 106 30.68 -46.48 -16.16
CA TRP C 106 30.80 -47.39 -17.29
C TRP C 106 32.25 -47.49 -17.76
N ILE C 107 32.96 -46.36 -17.78
CA ILE C 107 34.38 -46.38 -18.10
C ILE C 107 35.15 -47.25 -17.12
N ALA C 108 34.77 -47.24 -15.85
CA ALA C 108 35.42 -48.08 -14.86
C ALA C 108 35.13 -49.56 -15.11
N GLN C 109 33.90 -49.89 -15.52
CA GLN C 109 33.56 -51.27 -15.85
C GLN C 109 34.27 -51.74 -17.11
N ARG C 110 34.73 -50.81 -17.96
CA ARG C 110 35.43 -51.14 -19.18
C ARG C 110 36.95 -51.09 -18.99
N GLY C 111 37.42 -50.78 -17.80
CA GLY C 111 38.83 -50.83 -17.49
C GLY C 111 39.55 -49.51 -17.52
N GLY C 112 38.88 -48.40 -17.23
CA GLY C 112 39.51 -47.10 -17.18
C GLY C 112 39.36 -46.33 -18.47
N TRP C 113 39.78 -45.07 -18.42
CA TRP C 113 39.64 -44.18 -19.56
C TRP C 113 40.63 -44.52 -20.67
N VAL C 114 41.89 -44.76 -20.31
CA VAL C 114 42.89 -45.07 -21.34
C VAL C 114 42.50 -46.30 -22.13
N ALA C 115 41.85 -47.27 -21.48
CA ALA C 115 41.45 -48.49 -22.18
C ALA C 115 40.21 -48.28 -23.04
N ALA C 116 39.21 -47.56 -22.51
CA ALA C 116 37.94 -47.42 -23.23
C ALA C 116 38.01 -46.42 -24.38
N LEU C 117 38.94 -45.47 -24.35
CA LEU C 117 39.08 -44.51 -25.44
C LEU C 117 40.00 -45.00 -26.56
N ASN C 118 41.06 -45.73 -26.22
CA ASN C 118 42.00 -46.18 -27.26
C ASN C 118 41.38 -47.19 -28.21
N LEU C 119 40.30 -47.87 -27.80
CA LEU C 119 39.71 -48.89 -28.63
C LEU C 119 38.36 -48.43 -29.19
N SER D 4 14.66 2.34 -21.00
CA SER D 4 14.74 3.28 -22.11
C SER D 4 13.55 4.24 -22.11
N SER D 5 13.03 4.52 -23.30
CA SER D 5 11.82 5.34 -23.41
C SER D 5 10.63 4.67 -22.73
N THR D 6 10.62 3.33 -22.70
CA THR D 6 9.51 2.59 -22.12
C THR D 6 9.27 2.99 -20.67
N MET D 7 10.32 3.45 -19.97
CA MET D 7 10.13 4.02 -18.64
C MET D 7 9.08 5.14 -18.64
N GLY D 8 8.97 5.87 -19.75
CA GLY D 8 7.97 6.91 -19.83
C GLY D 8 6.60 6.42 -20.26
N GLN D 9 6.56 5.36 -21.08
CA GLN D 9 5.27 4.80 -21.48
C GLN D 9 4.58 4.11 -20.31
N VAL D 10 5.36 3.56 -19.38
CA VAL D 10 4.78 2.98 -18.16
C VAL D 10 4.44 4.06 -17.14
N GLY D 11 5.24 5.12 -17.06
CA GLY D 11 4.87 6.24 -16.22
C GLY D 11 3.62 6.94 -16.73
N ARG D 12 3.47 7.04 -18.05
CA ARG D 12 2.26 7.61 -18.62
C ARG D 12 1.06 6.68 -18.42
N GLN D 13 1.29 5.37 -18.51
CA GLN D 13 0.20 4.42 -18.37
C GLN D 13 -0.20 4.25 -16.90
N LEU D 14 0.76 4.36 -15.98
CA LEU D 14 0.41 4.38 -14.57
C LEU D 14 -0.32 5.66 -14.19
N ALA D 15 -0.03 6.76 -14.89
CA ALA D 15 -0.76 8.00 -14.66
C ALA D 15 -2.22 7.87 -15.09
N ILE D 16 -2.45 7.23 -16.26
CA ILE D 16 -3.81 6.99 -16.71
C ILE D 16 -4.52 6.03 -15.78
N ILE D 17 -3.86 4.92 -15.44
CA ILE D 17 -4.44 3.96 -14.50
C ILE D 17 -4.69 4.63 -13.16
N GLY D 18 -3.72 5.40 -12.67
CA GLY D 18 -3.89 6.06 -11.38
C GLY D 18 -5.04 7.05 -11.38
N ASP D 19 -5.19 7.81 -12.47
CA ASP D 19 -6.27 8.80 -12.51
C ASP D 19 -7.63 8.13 -12.63
N ASP D 20 -7.70 6.92 -13.18
CA ASP D 20 -8.96 6.19 -13.24
C ASP D 20 -9.33 5.58 -11.90
N ILE D 21 -8.36 5.36 -11.01
CA ILE D 21 -8.64 4.76 -9.71
C ILE D 21 -9.31 5.79 -8.80
N ASN D 22 -9.00 7.07 -8.97
CA ASN D 22 -9.57 8.10 -8.11
C ASN D 22 -11.07 8.25 -8.34
N ARG D 23 -11.48 8.34 -9.61
CA ARG D 23 -12.86 8.66 -9.97
C ARG D 23 -13.80 7.46 -9.96
N ARG D 24 -13.31 6.26 -9.66
CA ARG D 24 -14.14 5.06 -9.77
C ARG D 24 -15.04 4.85 -8.56
N TYR D 25 -14.48 4.38 -7.46
CA TYR D 25 -15.26 3.92 -6.33
C TYR D 25 -15.59 5.01 -5.33
N ASP D 26 -15.27 6.27 -5.64
CA ASP D 26 -15.56 7.36 -4.71
C ASP D 26 -17.05 7.45 -4.39
N SER D 27 -17.90 7.22 -5.39
CA SER D 27 -19.33 7.20 -5.16
C SER D 27 -19.73 6.00 -4.31
N GLU D 28 -19.06 4.87 -4.51
CA GLU D 28 -19.33 3.69 -3.69
C GLU D 28 -18.87 3.89 -2.25
N PHE D 29 -17.75 4.61 -2.07
CA PHE D 29 -17.26 4.88 -0.73
C PHE D 29 -18.18 5.83 0.02
N GLN D 30 -18.67 6.88 -0.67
CA GLN D 30 -19.55 7.85 -0.03
C GLN D 30 -20.85 7.20 0.43
N THR D 31 -21.27 6.12 -0.23
CA THR D 31 -22.47 5.41 0.21
C THR D 31 -22.20 4.60 1.47
N MET D 32 -21.02 3.97 1.55
CA MET D 32 -20.68 3.20 2.74
C MET D 32 -20.55 4.10 3.97
N LEU D 33 -19.95 5.28 3.80
CA LEU D 33 -19.79 6.19 4.94
C LEU D 33 -21.11 6.81 5.35
N GLN D 34 -21.97 7.15 4.38
CA GLN D 34 -23.25 7.77 4.69
C GLN D 34 -24.23 6.81 5.37
N HIS D 35 -23.98 5.50 5.30
CA HIS D 35 -24.86 4.53 5.94
C HIS D 35 -24.30 4.05 7.28
N LEU D 36 -23.07 4.45 7.62
CA LEU D 36 -22.45 4.18 8.92
C LEU D 36 -22.43 5.40 9.84
N GLN D 37 -22.18 6.59 9.28
CA GLN D 37 -22.12 7.85 10.01
C GLN D 37 -21.11 7.77 11.16
N PRO D 38 -19.82 7.87 10.87
CA PRO D 38 -18.80 7.78 11.92
C PRO D 38 -18.48 9.15 12.53
N THR D 39 -18.01 9.09 13.77
CA THR D 39 -17.50 10.26 14.47
C THR D 39 -16.05 10.02 14.85
N ALA D 40 -15.36 11.12 15.21
CA ALA D 40 -13.93 11.05 15.47
C ALA D 40 -13.58 10.03 16.56
N GLU D 41 -14.53 9.74 17.46
CA GLU D 41 -14.27 8.76 18.50
C GLU D 41 -14.26 7.35 17.93
N ASN D 42 -15.28 7.00 17.15
CA ASN D 42 -15.41 5.65 16.61
C ASN D 42 -14.84 5.52 15.20
N ALA D 43 -14.09 6.50 14.73
CA ALA D 43 -13.52 6.43 13.38
C ALA D 43 -12.52 5.30 13.26
N TYR D 44 -11.61 5.19 14.24
CA TYR D 44 -10.60 4.13 14.20
C TYR D 44 -11.22 2.77 14.54
N GLU D 45 -12.14 2.74 15.50
CA GLU D 45 -12.79 1.48 15.86
C GLU D 45 -13.55 0.90 14.68
N TYR D 46 -14.20 1.75 13.89
CA TYR D 46 -14.93 1.28 12.72
C TYR D 46 -14.00 0.61 11.71
N PHE D 47 -12.90 1.29 11.38
CA PHE D 47 -11.98 0.75 10.38
C PHE D 47 -11.35 -0.55 10.86
N THR D 48 -10.96 -0.61 12.14
CA THR D 48 -10.32 -1.81 12.67
C THR D 48 -11.26 -3.01 12.60
N LYS D 49 -12.55 -2.79 12.91
CA LYS D 49 -13.51 -3.89 12.90
C LYS D 49 -13.85 -4.32 11.47
N ILE D 50 -13.86 -3.38 10.53
CA ILE D 50 -14.16 -3.72 9.13
C ILE D 50 -12.96 -4.44 8.50
N ALA D 51 -11.75 -3.96 8.79
CA ALA D 51 -10.56 -4.58 8.22
C ALA D 51 -10.43 -6.03 8.65
N THR D 52 -10.75 -6.33 9.91
CA THR D 52 -10.72 -7.70 10.39
C THR D 52 -11.71 -8.57 9.64
N SER D 53 -12.94 -8.08 9.46
CA SER D 53 -13.96 -8.86 8.77
C SER D 53 -13.67 -8.97 7.28
N LEU D 54 -13.12 -7.92 6.68
CA LEU D 54 -12.81 -7.96 5.25
C LEU D 54 -11.72 -8.98 4.95
N PHE D 55 -10.70 -9.05 5.81
CA PHE D 55 -9.59 -9.97 5.61
C PHE D 55 -9.83 -11.34 6.26
N GLU D 56 -10.87 -11.46 7.10
CA GLU D 56 -11.24 -12.78 7.61
C GLU D 56 -11.72 -13.71 6.51
N SER D 57 -12.18 -13.15 5.39
CA SER D 57 -12.67 -13.93 4.26
C SER D 57 -11.65 -14.08 3.14
N GLY D 58 -10.53 -13.37 3.21
CA GLY D 58 -9.51 -13.45 2.18
C GLY D 58 -8.73 -12.16 2.09
N ILE D 59 -7.51 -12.27 1.59
CA ILE D 59 -6.59 -11.13 1.46
C ILE D 59 -5.94 -11.19 0.08
N ASN D 60 -5.90 -10.04 -0.59
CA ASN D 60 -5.17 -9.89 -1.86
C ASN D 60 -4.83 -8.41 -2.03
N TRP D 61 -4.30 -8.06 -3.20
CA TRP D 61 -3.90 -6.69 -3.44
C TRP D 61 -5.10 -5.76 -3.49
N GLY D 62 -6.14 -6.15 -4.23
CA GLY D 62 -7.30 -5.29 -4.36
C GLY D 62 -8.03 -5.07 -3.05
N ARG D 63 -8.19 -6.14 -2.26
CA ARG D 63 -8.84 -5.99 -0.96
C ARG D 63 -8.07 -5.06 -0.03
N VAL D 64 -6.75 -4.96 -0.23
CA VAL D 64 -5.94 -4.06 0.59
C VAL D 64 -6.08 -2.62 0.11
N VAL D 65 -6.01 -2.41 -1.21
CA VAL D 65 -6.16 -1.06 -1.76
C VAL D 65 -7.56 -0.54 -1.51
N ALA D 66 -8.56 -1.42 -1.59
CA ALA D 66 -9.92 -1.01 -1.28
C ALA D 66 -10.05 -0.56 0.17
N LEU D 67 -9.38 -1.26 1.09
CA LEU D 67 -9.43 -0.90 2.50
C LEU D 67 -8.74 0.44 2.73
N LEU D 68 -7.55 0.63 2.16
CA LEU D 68 -6.85 1.90 2.32
C LEU D 68 -7.62 3.03 1.65
N GLY D 69 -8.28 2.75 0.52
CA GLY D 69 -9.12 3.76 -0.10
C GLY D 69 -10.29 4.14 0.78
N PHE D 70 -10.90 3.16 1.45
CA PHE D 70 -11.99 3.44 2.37
C PHE D 70 -11.51 4.29 3.54
N GLY D 71 -10.35 3.94 4.12
CA GLY D 71 -9.82 4.72 5.23
C GLY D 71 -9.51 6.15 4.85
N TYR D 72 -9.08 6.38 3.61
CA TYR D 72 -8.84 7.75 3.15
C TYR D 72 -10.14 8.53 3.02
N ARG D 73 -11.17 7.89 2.48
CA ARG D 73 -12.49 8.53 2.44
C ARG D 73 -13.06 8.69 3.84
N LEU D 74 -12.82 7.69 4.70
CA LEU D 74 -13.26 7.77 6.09
C LEU D 74 -12.55 8.89 6.83
N ALA D 75 -11.27 9.10 6.53
CA ALA D 75 -10.49 10.11 7.26
C ALA D 75 -10.98 11.52 6.94
N LEU D 76 -11.17 11.84 5.66
CA LEU D 76 -11.72 13.15 5.31
C LEU D 76 -13.12 13.33 5.86
N HIS D 77 -13.94 12.27 5.82
CA HIS D 77 -15.32 12.40 6.26
C HIS D 77 -15.41 12.79 7.74
N VAL D 78 -14.58 12.18 8.59
CA VAL D 78 -14.68 12.47 10.01
C VAL D 78 -13.96 13.77 10.35
N TYR D 79 -12.95 14.17 9.58
CA TYR D 79 -12.22 15.39 9.86
C TYR D 79 -12.79 16.61 9.16
N GLN D 80 -13.39 16.43 7.97
CA GLN D 80 -14.28 17.48 7.46
C GLN D 80 -15.51 17.63 8.34
N HIS D 81 -15.83 16.61 9.13
CA HIS D 81 -17.03 16.62 9.95
C HIS D 81 -16.84 17.48 11.20
N GLY D 82 -15.61 17.66 11.63
CA GLY D 82 -15.31 18.46 12.80
C GLY D 82 -14.68 19.79 12.46
N LEU D 83 -14.07 19.88 11.27
CA LEU D 83 -13.53 21.15 10.81
C LEU D 83 -14.64 22.20 10.68
N THR D 84 -15.68 21.88 9.92
CA THR D 84 -16.84 22.76 9.84
C THR D 84 -17.54 22.86 11.19
N GLY D 85 -17.42 21.84 12.03
CA GLY D 85 -18.02 21.89 13.35
C GLY D 85 -17.32 22.86 14.28
N PHE D 86 -15.99 22.90 14.22
CA PHE D 86 -15.24 23.81 15.08
C PHE D 86 -15.50 25.27 14.70
N LEU D 87 -15.55 25.56 13.40
CA LEU D 87 -15.94 26.90 12.97
C LEU D 87 -17.33 27.24 13.49
N GLY D 88 -18.24 26.25 13.50
CA GLY D 88 -19.55 26.47 14.07
C GLY D 88 -19.57 26.57 15.58
N GLN D 89 -18.49 26.15 16.24
CA GLN D 89 -18.42 26.25 17.70
C GLN D 89 -17.72 27.50 18.17
N VAL D 90 -16.66 27.93 17.49
CA VAL D 90 -15.92 29.12 17.93
C VAL D 90 -16.67 30.39 17.55
N THR D 91 -17.27 30.43 16.35
CA THR D 91 -18.01 31.62 15.95
C THR D 91 -19.32 31.74 16.72
N ARG D 92 -19.93 30.61 17.08
CA ARG D 92 -21.12 30.63 17.93
C ARG D 92 -20.78 31.05 19.35
N PHE D 93 -19.55 30.79 19.79
CA PHE D 93 -19.15 31.15 21.15
C PHE D 93 -18.93 32.65 21.28
N VAL D 94 -18.23 33.25 20.30
CA VAL D 94 -17.96 34.68 20.38
C VAL D 94 -19.24 35.49 20.20
N VAL D 95 -20.15 35.00 19.37
CA VAL D 95 -21.44 35.67 19.19
C VAL D 95 -22.24 35.62 20.49
N ASP D 96 -22.27 34.45 21.14
CA ASP D 96 -22.92 34.34 22.44
C ASP D 96 -22.21 35.20 23.48
N PHE D 97 -20.89 35.29 23.40
CA PHE D 97 -20.14 36.12 24.35
C PHE D 97 -20.47 37.60 24.16
N MET D 98 -20.53 38.06 22.90
CA MET D 98 -20.83 39.46 22.64
C MET D 98 -22.26 39.82 23.03
N LEU D 99 -23.20 38.89 22.81
CA LEU D 99 -24.60 39.17 23.15
C LEU D 99 -24.77 39.32 24.65
N HIS D 100 -24.16 38.44 25.44
CA HIS D 100 -24.22 38.57 26.89
C HIS D 100 -23.36 39.73 27.38
N HIS D 101 -22.32 40.09 26.63
CA HIS D 101 -21.50 41.25 26.98
C HIS D 101 -22.28 42.54 26.82
N SER D 102 -23.08 42.65 25.76
CA SER D 102 -23.88 43.84 25.55
C SER D 102 -25.02 43.95 26.56
N ILE D 103 -25.50 42.81 27.06
CA ILE D 103 -26.54 42.84 28.09
C ILE D 103 -25.95 43.25 29.42
N ALA D 104 -24.72 42.81 29.71
CA ALA D 104 -24.11 43.10 31.01
C ALA D 104 -23.65 44.55 31.11
N ARG D 105 -23.31 45.18 29.98
CA ARG D 105 -22.74 46.51 29.99
C ARG D 105 -23.75 47.62 30.28
N TRP D 106 -25.03 47.30 30.41
CA TRP D 106 -26.04 48.34 30.55
C TRP D 106 -26.34 48.68 32.00
N ILE D 107 -26.22 47.71 32.90
CA ILE D 107 -26.45 47.92 34.34
C ILE D 107 -27.87 48.44 34.59
N SER E 5 -16.84 50.33 -15.42
CA SER E 5 -17.38 49.72 -14.20
C SER E 5 -16.81 50.40 -12.96
N THR E 6 -17.52 51.41 -12.46
CA THR E 6 -17.09 52.08 -11.23
C THR E 6 -17.12 51.13 -10.05
N MET E 7 -18.01 50.14 -10.08
CA MET E 7 -18.08 49.13 -9.03
C MET E 7 -17.13 47.96 -9.28
N GLY E 8 -16.62 47.81 -10.50
CA GLY E 8 -15.61 46.80 -10.76
C GLY E 8 -14.21 47.29 -10.48
N GLN E 9 -13.97 48.57 -10.74
CA GLN E 9 -12.65 49.22 -10.47
C GLN E 9 -12.43 49.19 -8.95
N VAL E 10 -13.47 49.49 -8.19
CA VAL E 10 -13.42 49.46 -6.70
C VAL E 10 -13.15 48.01 -6.28
N GLY E 11 -13.82 47.06 -6.94
CA GLY E 11 -13.63 45.62 -6.67
C GLY E 11 -12.17 45.24 -6.88
N ARG E 12 -11.58 45.71 -7.98
CA ARG E 12 -10.18 45.43 -8.26
C ARG E 12 -9.30 45.78 -7.07
N GLN E 13 -9.51 46.97 -6.50
CA GLN E 13 -8.70 47.41 -5.36
C GLN E 13 -9.03 46.62 -4.11
N LEU E 14 -10.33 46.33 -3.93
CA LEU E 14 -10.80 45.54 -2.77
C LEU E 14 -10.19 44.14 -2.83
N ALA E 15 -10.04 43.60 -4.04
CA ALA E 15 -9.44 42.28 -4.22
C ALA E 15 -7.96 42.29 -3.88
N ILE E 16 -7.23 43.31 -4.38
CA ILE E 16 -5.82 43.43 -4.06
C ILE E 16 -5.63 43.69 -2.57
N ILE E 17 -6.37 44.66 -2.03
CA ILE E 17 -6.29 44.95 -0.60
C ILE E 17 -6.68 43.72 0.21
N GLY E 18 -7.79 43.07 -0.18
CA GLY E 18 -8.22 41.89 0.56
C GLY E 18 -7.22 40.76 0.53
N ASP E 19 -6.66 40.48 -0.65
CA ASP E 19 -5.64 39.44 -0.75
C ASP E 19 -4.36 39.83 -0.04
N ASP E 20 -4.10 41.12 0.13
CA ASP E 20 -2.95 41.59 0.89
C ASP E 20 -3.16 41.55 2.39
N ILE E 21 -4.25 40.93 2.86
CA ILE E 21 -4.52 40.78 4.28
C ILE E 21 -4.28 39.35 4.74
N ASN E 22 -4.64 38.38 3.90
CA ASN E 22 -4.50 36.97 4.26
C ASN E 22 -3.03 36.57 4.37
N ARG E 23 -2.22 36.95 3.38
CA ARG E 23 -0.84 36.50 3.27
C ARG E 23 0.16 37.46 3.88
N ARG E 24 -0.28 38.64 4.34
CA ARG E 24 0.67 39.62 4.87
C ARG E 24 1.12 39.23 6.28
N TYR E 25 0.20 39.28 7.24
CA TYR E 25 0.50 38.95 8.62
C TYR E 25 0.35 37.47 8.92
N ASP E 26 0.18 36.65 7.88
CA ASP E 26 0.06 35.21 8.08
C ASP E 26 1.29 34.65 8.80
N SER E 27 2.49 35.10 8.40
CA SER E 27 3.70 34.62 9.04
C SER E 27 3.74 34.96 10.53
N GLU E 28 3.10 36.05 10.93
CA GLU E 28 3.13 36.44 12.34
C GLU E 28 2.29 35.52 13.21
N PHE E 29 1.08 35.16 12.78
CA PHE E 29 0.27 34.32 13.64
C PHE E 29 0.42 32.83 13.35
N GLN E 30 0.86 32.45 12.14
CA GLN E 30 1.14 31.04 11.90
C GLN E 30 2.31 30.56 12.73
N THR E 31 3.25 31.45 13.04
CA THR E 31 4.31 31.12 13.98
C THR E 31 3.81 31.17 15.42
N MET E 32 2.95 32.15 15.73
CA MET E 32 2.41 32.26 17.08
C MET E 32 1.56 31.05 17.44
N LEU E 33 0.74 30.58 16.49
CA LEU E 33 -0.01 29.36 16.68
C LEU E 33 0.93 28.17 16.93
N GLN E 34 1.92 28.01 16.05
CA GLN E 34 2.90 26.94 16.21
C GLN E 34 3.71 27.12 17.49
N HIS E 35 3.68 28.30 18.09
CA HIS E 35 4.34 28.52 19.37
C HIS E 35 3.41 28.29 20.56
N LEU E 36 2.10 28.12 20.31
CA LEU E 36 1.18 27.60 21.31
C LEU E 36 1.14 26.08 21.32
N GLN E 37 1.10 25.47 20.13
CA GLN E 37 1.06 24.02 19.96
C GLN E 37 -0.18 23.44 20.62
N PRO E 38 -1.38 23.78 20.14
CA PRO E 38 -2.60 23.21 20.74
C PRO E 38 -2.84 21.79 20.25
N THR E 39 -3.64 21.06 21.04
CA THR E 39 -3.95 19.67 20.78
C THR E 39 -5.44 19.52 20.52
N ALA E 40 -5.80 18.63 19.59
CA ALA E 40 -7.18 18.49 19.14
C ALA E 40 -8.11 18.00 20.24
N GLU E 41 -7.59 17.37 21.29
CA GLU E 41 -8.45 16.77 22.31
C GLU E 41 -9.26 17.84 23.04
N ASN E 42 -8.57 18.76 23.71
CA ASN E 42 -9.23 19.80 24.50
C ASN E 42 -8.85 21.19 24.00
N ALA E 43 -8.80 21.36 22.68
CA ALA E 43 -8.45 22.67 22.12
C ALA E 43 -9.49 23.71 22.46
N TYR E 44 -10.77 23.34 22.43
CA TYR E 44 -11.84 24.29 22.73
C TYR E 44 -11.79 24.73 24.19
N GLU E 45 -11.52 23.80 25.10
CA GLU E 45 -11.40 24.14 26.52
C GLU E 45 -10.30 25.17 26.72
N TYR E 46 -9.16 25.00 26.05
CA TYR E 46 -8.11 25.99 26.10
C TYR E 46 -8.56 27.29 25.42
N PHE E 47 -9.30 27.16 24.32
CA PHE E 47 -9.73 28.32 23.55
C PHE E 47 -10.67 29.21 24.36
N THR E 48 -11.56 28.60 25.16
CA THR E 48 -12.47 29.39 25.98
C THR E 48 -11.71 30.26 26.96
N LYS E 49 -10.59 29.74 27.49
CA LYS E 49 -9.82 30.48 28.48
C LYS E 49 -8.93 31.55 27.87
N ILE E 50 -8.57 31.44 26.59
CA ILE E 50 -7.82 32.50 25.95
C ILE E 50 -8.76 33.61 25.48
N ALA E 51 -10.00 33.26 25.10
CA ALA E 51 -10.93 34.28 24.63
C ALA E 51 -11.34 35.21 25.76
N THR E 52 -11.59 34.66 26.95
CA THR E 52 -11.90 35.50 28.10
C THR E 52 -10.76 36.44 28.43
N SER E 53 -9.52 35.96 28.32
CA SER E 53 -8.37 36.82 28.61
C SER E 53 -8.23 37.91 27.57
N LEU E 54 -8.52 37.60 26.31
CA LEU E 54 -8.47 38.63 25.27
C LEU E 54 -9.56 39.67 25.46
N PHE E 55 -10.74 39.25 25.91
CA PHE E 55 -11.83 40.18 26.15
C PHE E 55 -11.70 40.88 27.50
N GLU E 56 -10.88 40.35 28.41
CA GLU E 56 -10.68 40.97 29.71
C GLU E 56 -9.92 42.28 29.62
N SER E 57 -9.15 42.49 28.55
CA SER E 57 -8.37 43.71 28.39
C SER E 57 -8.99 44.69 27.41
N GLY E 58 -9.99 44.28 26.65
CA GLY E 58 -10.65 45.16 25.70
C GLY E 58 -11.16 44.37 24.51
N ILE E 59 -12.17 44.93 23.85
CA ILE E 59 -12.79 44.32 22.68
C ILE E 59 -12.98 45.40 21.62
N ASN E 60 -12.60 45.09 20.38
CA ASN E 60 -12.82 45.99 19.26
C ASN E 60 -12.86 45.15 17.98
N TRP E 61 -12.88 45.83 16.83
CA TRP E 61 -12.98 45.12 15.56
C TRP E 61 -11.72 44.31 15.28
N GLY E 62 -10.55 44.91 15.48
CA GLY E 62 -9.31 44.20 15.18
C GLY E 62 -9.10 42.99 16.09
N ARG E 63 -9.39 43.14 17.38
CA ARG E 63 -9.24 42.02 18.30
C ARG E 63 -10.16 40.86 17.94
N VAL E 64 -11.28 41.15 17.29
CA VAL E 64 -12.20 40.10 16.88
C VAL E 64 -11.72 39.43 15.60
N VAL E 65 -11.31 40.23 14.61
CA VAL E 65 -10.80 39.66 13.36
C VAL E 65 -9.52 38.89 13.61
N ALA E 66 -8.66 39.40 14.51
CA ALA E 66 -7.45 38.68 14.87
C ALA E 66 -7.79 37.30 15.45
N LEU E 67 -8.80 37.22 16.31
CA LEU E 67 -9.24 35.92 16.81
C LEU E 67 -10.05 35.15 15.77
N LEU E 68 -10.74 35.86 14.87
CA LEU E 68 -11.36 35.21 13.72
C LEU E 68 -10.31 34.54 12.84
N GLY E 69 -9.20 35.23 12.60
CA GLY E 69 -8.13 34.64 11.82
C GLY E 69 -7.40 33.55 12.56
N PHE E 70 -7.32 33.66 13.89
CA PHE E 70 -6.63 32.65 14.68
C PHE E 70 -7.42 31.35 14.70
N GLY E 71 -8.73 31.43 15.00
CA GLY E 71 -9.55 30.23 14.98
C GLY E 71 -9.65 29.61 13.60
N TYR E 72 -9.58 30.43 12.55
CA TYR E 72 -9.59 29.92 11.19
C TYR E 72 -8.33 29.12 10.90
N ARG E 73 -7.17 29.60 11.37
CA ARG E 73 -5.93 28.86 11.20
C ARG E 73 -5.86 27.67 12.16
N LEU E 74 -6.33 27.84 13.38
CA LEU E 74 -6.22 26.77 14.38
C LEU E 74 -7.06 25.56 14.00
N ALA E 75 -8.29 25.79 13.55
CA ALA E 75 -9.13 24.68 13.10
C ALA E 75 -8.47 23.96 11.94
N LEU E 76 -7.85 24.71 11.02
CA LEU E 76 -7.12 24.09 9.92
C LEU E 76 -5.89 23.35 10.43
N HIS E 77 -5.25 23.88 11.47
CA HIS E 77 -4.01 23.27 11.97
C HIS E 77 -4.28 21.94 12.64
N VAL E 78 -5.30 21.88 13.51
CA VAL E 78 -5.65 20.60 14.13
C VAL E 78 -6.24 19.65 13.10
N TYR E 79 -6.94 20.19 12.10
CA TYR E 79 -7.39 19.39 10.96
C TYR E 79 -6.22 18.77 10.21
N GLN E 80 -5.30 19.61 9.72
CA GLN E 80 -4.22 19.10 8.88
C GLN E 80 -3.28 18.18 9.65
N HIS E 81 -3.11 18.41 10.96
CA HIS E 81 -2.26 17.51 11.74
C HIS E 81 -3.02 16.26 12.15
N GLY E 82 -4.30 16.39 12.53
CA GLY E 82 -5.05 15.23 12.96
C GLY E 82 -5.39 14.29 11.81
N LEU E 83 -5.62 14.84 10.62
CA LEU E 83 -5.94 14.01 9.46
C LEU E 83 -4.78 13.09 9.11
N THR E 84 -3.57 13.65 8.99
CA THR E 84 -2.39 12.84 8.72
C THR E 84 -2.08 11.91 9.89
N GLY E 85 -2.45 12.30 11.10
CA GLY E 85 -2.23 11.42 12.25
C GLY E 85 -3.16 10.22 12.24
N PHE E 86 -4.42 10.43 11.86
CA PHE E 86 -5.36 9.31 11.80
C PHE E 86 -4.98 8.32 10.71
N LEU E 87 -4.55 8.81 9.55
CA LEU E 87 -4.10 7.90 8.50
C LEU E 87 -2.80 7.20 8.89
N GLY E 88 -2.03 7.77 9.81
CA GLY E 88 -0.80 7.13 10.24
C GLY E 88 -1.03 5.91 11.10
N GLN E 89 -2.11 5.89 11.87
CA GLN E 89 -2.45 4.71 12.66
C GLN E 89 -3.27 3.71 11.85
N VAL E 90 -3.99 4.18 10.83
CA VAL E 90 -4.69 3.27 9.93
C VAL E 90 -3.69 2.38 9.18
N THR E 91 -2.70 3.00 8.54
CA THR E 91 -1.72 2.23 7.78
C THR E 91 -0.87 1.34 8.68
N ARG E 92 -0.69 1.72 9.94
CA ARG E 92 0.08 0.88 10.85
C ARG E 92 -0.69 -0.38 11.25
N PHE E 93 -2.03 -0.33 11.16
CA PHE E 93 -2.83 -1.51 11.48
C PHE E 93 -2.80 -2.53 10.36
N VAL E 94 -2.95 -2.07 9.11
CA VAL E 94 -2.98 -3.01 7.99
C VAL E 94 -1.61 -3.65 7.77
N VAL E 95 -0.54 -2.94 8.11
CA VAL E 95 0.79 -3.52 7.98
C VAL E 95 1.01 -4.63 9.01
N ASP E 96 0.58 -4.38 10.26
CA ASP E 96 0.67 -5.41 11.29
C ASP E 96 -0.09 -6.67 10.87
N PHE E 97 -1.20 -6.50 10.18
CA PHE E 97 -2.12 -7.59 9.94
C PHE E 97 -1.95 -8.20 8.55
N MET E 98 -1.00 -7.68 7.76
CA MET E 98 -0.35 -8.38 6.67
C MET E 98 0.87 -9.16 7.16
N LEU E 99 1.62 -8.59 8.10
CA LEU E 99 2.74 -9.33 8.70
C LEU E 99 2.24 -10.48 9.55
N HIS E 100 1.16 -10.26 10.32
CA HIS E 100 0.58 -11.33 11.10
C HIS E 100 -0.04 -12.40 10.21
N HIS E 101 -0.50 -12.02 9.02
CA HIS E 101 -1.07 -12.99 8.09
C HIS E 101 0.01 -13.90 7.51
N SER E 102 1.20 -13.35 7.23
CA SER E 102 2.27 -14.17 6.68
C SER E 102 2.83 -15.12 7.72
N ILE E 103 2.90 -14.68 8.98
CA ILE E 103 3.31 -15.58 10.06
C ILE E 103 2.28 -16.67 10.27
N ALA E 104 1.00 -16.33 10.13
CA ALA E 104 -0.08 -17.30 10.34
C ALA E 104 -0.02 -18.45 9.34
N ARG E 105 0.62 -18.25 8.19
CA ARG E 105 0.77 -19.33 7.23
C ARG E 105 1.87 -20.32 7.62
N TRP E 106 2.80 -19.90 8.49
CA TRP E 106 3.76 -20.84 9.06
C TRP E 106 3.05 -21.91 9.88
N ILE E 107 2.27 -21.47 10.87
CA ILE E 107 1.51 -22.39 11.71
C ILE E 107 0.53 -23.22 10.87
N ALA E 108 0.13 -22.70 9.71
CA ALA E 108 -0.71 -23.49 8.82
C ALA E 108 -0.02 -24.76 8.36
N GLN E 109 1.32 -24.77 8.28
CA GLN E 109 2.01 -26.00 7.91
C GLN E 109 2.41 -26.87 9.09
N ARG E 110 2.53 -26.32 10.29
CA ARG E 110 3.20 -27.07 11.36
C ARG E 110 2.39 -28.32 11.73
N PRO F 3 1.04 28.58 32.06
CA PRO F 3 -0.41 28.43 32.08
C PRO F 3 -1.12 29.51 31.28
N SER F 4 -1.81 30.41 31.99
CA SER F 4 -2.51 31.52 31.35
C SER F 4 -1.56 32.63 30.92
N SER F 5 -0.27 32.53 31.24
CA SER F 5 0.70 33.50 30.74
C SER F 5 0.75 33.48 29.22
N THR F 6 0.99 32.29 28.65
CA THR F 6 0.93 32.15 27.19
C THR F 6 -0.44 32.55 26.66
N MET F 7 -1.50 32.20 27.38
CA MET F 7 -2.84 32.62 27.00
C MET F 7 -3.00 34.13 27.13
N GLY F 8 -2.26 34.75 28.06
CA GLY F 8 -2.24 36.20 28.14
C GLY F 8 -1.32 36.84 27.12
N GLN F 9 -0.22 36.16 26.77
CA GLN F 9 0.65 36.65 25.71
C GLN F 9 -0.04 36.55 24.35
N VAL F 10 -0.97 35.61 24.19
CA VAL F 10 -1.71 35.50 22.95
C VAL F 10 -2.66 36.68 22.76
N GLY F 11 -3.39 37.03 23.82
CA GLY F 11 -4.22 38.23 23.76
C GLY F 11 -3.40 39.49 23.63
N ARG F 12 -2.16 39.47 24.11
CA ARG F 12 -1.28 40.63 23.96
C ARG F 12 -0.81 40.76 22.52
N GLN F 13 -0.51 39.64 21.86
CA GLN F 13 -0.11 39.69 20.46
C GLN F 13 -1.30 39.98 19.56
N LEU F 14 -2.45 39.36 19.82
CA LEU F 14 -3.62 39.57 18.99
C LEU F 14 -4.14 41.00 19.11
N ALA F 15 -3.93 41.64 20.26
CA ALA F 15 -4.32 43.04 20.41
C ALA F 15 -3.50 43.94 19.50
N ILE F 16 -2.17 43.74 19.49
CA ILE F 16 -1.31 44.52 18.62
C ILE F 16 -1.60 44.21 17.16
N ILE F 17 -1.69 42.92 16.83
CA ILE F 17 -1.98 42.52 15.44
C ILE F 17 -3.33 43.06 15.01
N GLY F 18 -4.34 42.91 15.87
CA GLY F 18 -5.67 43.39 15.52
C GLY F 18 -5.73 44.90 15.37
N ASP F 19 -5.01 45.64 16.23
CA ASP F 19 -5.00 47.09 16.13
C ASP F 19 -4.16 47.59 14.96
N ASP F 20 -3.20 46.79 14.49
CA ASP F 20 -2.36 47.23 13.38
C ASP F 20 -3.11 47.21 12.05
N ILE F 21 -3.99 46.24 11.85
CA ILE F 21 -4.79 46.23 10.63
C ILE F 21 -5.92 47.26 10.72
N ASN F 22 -6.45 47.49 11.91
CA ASN F 22 -7.49 48.50 12.07
C ASN F 22 -6.95 49.90 11.78
N ARG F 23 -5.74 50.20 12.27
CA ARG F 23 -5.19 51.54 12.19
C ARG F 23 -4.51 51.85 10.87
N ARG F 24 -4.28 50.85 10.01
CA ARG F 24 -3.62 51.09 8.73
C ARG F 24 -4.57 50.97 7.54
N TYR F 25 -5.60 50.13 7.62
CA TYR F 25 -6.56 50.03 6.54
C TYR F 25 -7.63 51.11 6.60
N ASP F 26 -7.88 51.69 7.77
CA ASP F 26 -8.92 52.72 7.87
C ASP F 26 -8.59 53.92 6.98
N SER F 27 -7.34 54.36 6.99
CA SER F 27 -6.92 55.40 6.06
C SER F 27 -7.02 54.91 4.62
N GLU F 28 -6.81 53.61 4.40
CA GLU F 28 -6.97 53.05 3.07
C GLU F 28 -8.44 52.91 2.69
N PHE F 29 -9.32 52.76 3.69
CA PHE F 29 -10.75 52.65 3.40
C PHE F 29 -11.33 53.99 2.96
N GLN F 30 -11.03 55.06 3.71
CA GLN F 30 -11.66 56.35 3.44
C GLN F 30 -11.25 56.92 2.10
N THR F 31 -10.14 56.48 1.52
CA THR F 31 -9.73 56.97 0.21
C THR F 31 -10.66 56.45 -0.88
N MET F 32 -10.95 55.15 -0.86
CA MET F 32 -11.85 54.58 -1.86
C MET F 32 -13.30 55.02 -1.63
N LEU F 33 -13.70 55.11 -0.37
CA LEU F 33 -15.11 55.38 -0.06
C LEU F 33 -15.49 56.81 -0.39
N GLN F 34 -14.63 57.77 -0.05
CA GLN F 34 -14.95 59.16 -0.34
C GLN F 34 -14.91 59.46 -1.84
N HIS F 35 -14.18 58.68 -2.62
CA HIS F 35 -14.14 58.85 -4.07
C HIS F 35 -15.23 58.06 -4.77
N LEU F 36 -16.01 57.25 -4.05
CA LEU F 36 -17.22 56.65 -4.58
C LEU F 36 -18.45 57.52 -4.42
N GLN F 37 -18.51 58.31 -3.35
CA GLN F 37 -19.62 59.21 -3.07
C GLN F 37 -20.95 58.46 -3.03
N PRO F 38 -21.17 57.60 -2.04
CA PRO F 38 -22.46 56.92 -1.94
C PRO F 38 -23.54 57.86 -1.39
N THR F 39 -24.76 57.63 -1.84
CA THR F 39 -25.91 58.42 -1.43
C THR F 39 -26.87 57.55 -0.62
N ALA F 40 -27.42 58.13 0.45
CA ALA F 40 -28.11 57.34 1.48
C ALA F 40 -29.31 56.59 0.91
N GLU F 41 -30.00 57.18 -0.07
CA GLU F 41 -31.23 56.60 -0.58
C GLU F 41 -30.95 55.27 -1.28
N ASN F 42 -30.19 55.32 -2.37
CA ASN F 42 -29.94 54.17 -3.22
C ASN F 42 -28.53 53.59 -3.05
N ALA F 43 -27.97 53.73 -1.85
CA ALA F 43 -26.66 53.13 -1.59
C ALA F 43 -26.71 51.61 -1.64
N TYR F 44 -27.85 51.01 -1.28
CA TYR F 44 -27.92 49.56 -1.23
C TYR F 44 -28.03 48.95 -2.63
N GLU F 45 -28.89 49.52 -3.48
CA GLU F 45 -28.87 49.20 -4.91
C GLU F 45 -27.46 49.28 -5.46
N TYR F 46 -26.79 50.40 -5.19
CA TYR F 46 -25.41 50.56 -5.62
C TYR F 46 -24.53 49.46 -5.03
N PHE F 47 -24.70 49.17 -3.74
CA PHE F 47 -23.87 48.15 -3.09
C PHE F 47 -24.10 46.77 -3.71
N THR F 48 -25.35 46.42 -3.99
CA THR F 48 -25.62 45.13 -4.63
C THR F 48 -24.92 45.01 -5.98
N LYS F 49 -24.78 46.13 -6.70
CA LYS F 49 -24.11 46.09 -7.98
C LYS F 49 -22.59 46.00 -7.82
N ILE F 50 -22.05 46.56 -6.73
CA ILE F 50 -20.63 46.38 -6.44
C ILE F 50 -20.35 44.94 -6.03
N ALA F 51 -21.17 44.39 -5.15
CA ALA F 51 -20.97 43.02 -4.70
C ALA F 51 -21.09 42.04 -5.86
N THR F 52 -22.08 42.25 -6.74
CA THR F 52 -22.24 41.37 -7.90
C THR F 52 -21.00 41.44 -8.79
N SER F 53 -20.50 42.64 -9.07
CA SER F 53 -19.30 42.79 -9.89
C SER F 53 -18.07 42.29 -9.15
N LEU F 54 -18.02 42.49 -7.83
CA LEU F 54 -16.88 42.03 -7.05
C LEU F 54 -16.79 40.51 -7.06
N PHE F 55 -17.94 39.84 -7.00
CA PHE F 55 -18.00 38.39 -6.98
C PHE F 55 -18.04 37.77 -8.37
N GLU F 56 -18.23 38.59 -9.41
CA GLU F 56 -18.19 38.09 -10.77
C GLU F 56 -16.78 37.69 -11.17
N SER F 57 -15.77 38.36 -10.62
CA SER F 57 -14.37 38.08 -10.95
C SER F 57 -13.72 37.09 -10.00
N GLY F 58 -14.40 36.71 -8.92
CA GLY F 58 -13.83 35.77 -7.96
C GLY F 58 -14.38 36.04 -6.58
N ILE F 59 -14.01 35.15 -5.65
CA ILE F 59 -14.43 35.26 -4.26
C ILE F 59 -13.43 34.53 -3.38
N ASN F 60 -13.03 35.17 -2.28
CA ASN F 60 -12.11 34.57 -1.32
C ASN F 60 -12.30 35.27 0.02
N TRP F 61 -11.39 35.00 0.96
CA TRP F 61 -11.50 35.60 2.29
C TRP F 61 -11.23 37.10 2.25
N GLY F 62 -10.31 37.54 1.38
CA GLY F 62 -10.00 38.95 1.32
C GLY F 62 -11.13 39.78 0.76
N ARG F 63 -11.86 39.24 -0.22
CA ARG F 63 -12.93 39.99 -0.84
C ARG F 63 -14.08 40.25 0.13
N VAL F 64 -14.42 39.25 0.96
CA VAL F 64 -15.52 39.43 1.90
C VAL F 64 -15.11 40.38 3.03
N VAL F 65 -13.87 40.27 3.51
CA VAL F 65 -13.43 41.13 4.60
C VAL F 65 -13.24 42.56 4.09
N ALA F 66 -12.70 42.73 2.88
CA ALA F 66 -12.59 44.05 2.29
C ALA F 66 -13.96 44.69 2.12
N LEU F 67 -14.95 43.91 1.65
CA LEU F 67 -16.30 44.41 1.59
C LEU F 67 -16.90 44.57 2.99
N LEU F 68 -16.53 43.65 3.91
CA LEU F 68 -16.93 43.81 5.30
C LEU F 68 -16.38 45.10 5.88
N GLY F 69 -15.09 45.33 5.72
CA GLY F 69 -14.51 46.59 6.15
C GLY F 69 -15.10 47.78 5.39
N PHE F 70 -15.46 47.57 4.12
CA PHE F 70 -16.13 48.61 3.35
C PHE F 70 -17.52 48.89 3.92
N GLY F 71 -18.31 47.85 4.15
CA GLY F 71 -19.63 48.03 4.71
C GLY F 71 -19.61 48.63 6.11
N TYR F 72 -18.59 48.29 6.90
CA TYR F 72 -18.45 48.90 8.22
C TYR F 72 -18.16 50.39 8.11
N ARG F 73 -17.34 50.79 7.14
CA ARG F 73 -17.07 52.20 6.91
C ARG F 73 -18.23 52.87 6.16
N LEU F 74 -18.80 52.15 5.19
CA LEU F 74 -19.94 52.67 4.43
C LEU F 74 -21.10 53.04 5.34
N ALA F 75 -21.53 52.08 6.17
CA ALA F 75 -22.66 52.31 7.08
C ALA F 75 -22.45 53.57 7.90
N LEU F 76 -21.23 53.74 8.45
CA LEU F 76 -20.92 54.93 9.22
C LEU F 76 -21.02 56.18 8.34
N HIS F 77 -20.51 56.11 7.12
CA HIS F 77 -20.42 57.30 6.27
C HIS F 77 -21.81 57.77 5.84
N VAL F 78 -22.66 56.86 5.37
CA VAL F 78 -23.93 57.27 4.78
C VAL F 78 -24.89 57.76 5.86
N TYR F 79 -24.75 57.29 7.10
CA TYR F 79 -25.66 57.68 8.17
C TYR F 79 -25.09 58.76 9.07
N GLN F 80 -23.76 58.93 9.10
CA GLN F 80 -23.21 60.11 9.77
C GLN F 80 -23.45 61.37 8.95
N HIS F 81 -23.51 61.24 7.63
CA HIS F 81 -23.83 62.39 6.78
C HIS F 81 -25.31 62.73 6.85
N GLY F 82 -26.18 61.72 6.79
CA GLY F 82 -27.60 61.98 6.88
C GLY F 82 -28.03 62.50 8.23
N LEU F 83 -27.35 62.06 9.31
CA LEU F 83 -27.67 62.54 10.65
C LEU F 83 -27.51 64.05 10.74
N THR F 84 -26.36 64.56 10.30
CA THR F 84 -26.16 66.01 10.29
C THR F 84 -27.10 66.68 9.29
N GLY F 85 -27.54 65.96 8.27
CA GLY F 85 -28.46 66.54 7.31
C GLY F 85 -29.86 66.73 7.87
N PHE F 86 -30.31 65.80 8.69
CA PHE F 86 -31.65 65.91 9.26
C PHE F 86 -31.74 67.04 10.27
N LEU F 87 -30.75 67.16 11.16
CA LEU F 87 -30.75 68.25 12.12
C LEU F 87 -30.57 69.60 11.44
N GLY F 88 -29.96 69.61 10.25
CA GLY F 88 -29.91 70.84 9.47
C GLY F 88 -31.26 71.29 8.97
N GLN F 89 -32.21 70.34 8.84
CA GLN F 89 -33.60 70.68 8.57
C GLN F 89 -34.28 71.20 9.82
N VAL F 90 -34.05 70.54 10.96
CA VAL F 90 -34.62 70.97 12.23
C VAL F 90 -34.23 72.40 12.54
N THR F 91 -32.93 72.69 12.57
CA THR F 91 -32.48 74.01 13.00
C THR F 91 -32.93 75.11 12.04
N ARG F 92 -33.00 74.82 10.74
CA ARG F 92 -33.45 75.83 9.79
C ARG F 92 -34.96 76.01 9.81
N PHE F 93 -35.71 75.02 10.31
CA PHE F 93 -37.16 75.19 10.44
C PHE F 93 -37.49 76.09 11.62
N VAL F 94 -36.82 75.89 12.75
CA VAL F 94 -37.09 76.70 13.94
C VAL F 94 -36.70 78.15 13.71
N VAL F 95 -35.63 78.37 12.93
CA VAL F 95 -35.17 79.73 12.64
C VAL F 95 -36.20 80.46 11.79
N ASP F 96 -36.71 79.80 10.75
CA ASP F 96 -37.76 80.40 9.93
C ASP F 96 -38.95 80.82 10.77
N PHE F 97 -39.28 80.04 11.79
CA PHE F 97 -40.54 80.20 12.50
C PHE F 97 -40.34 80.88 13.85
N MET F 98 -39.11 81.30 14.15
CA MET F 98 -38.79 82.40 15.06
C MET F 98 -38.78 83.74 14.33
N LEU F 99 -38.24 83.78 13.11
CA LEU F 99 -38.33 84.99 12.30
C LEU F 99 -39.78 85.30 11.95
N HIS F 100 -40.57 84.25 11.65
CA HIS F 100 -41.99 84.46 11.42
C HIS F 100 -42.70 84.92 12.69
N HIS F 101 -42.22 84.46 13.86
CA HIS F 101 -42.81 84.90 15.11
C HIS F 101 -42.54 86.38 15.37
N SER F 102 -41.33 86.84 15.07
CA SER F 102 -41.01 88.26 15.30
C SER F 102 -41.77 89.16 14.34
N ILE F 103 -41.97 88.70 13.10
CA ILE F 103 -42.71 89.51 12.12
C ILE F 103 -44.21 89.48 12.44
N ALA F 104 -44.75 88.32 12.75
CA ALA F 104 -46.16 88.20 13.10
C ALA F 104 -46.43 88.77 14.48
#